data_2W2V
#
_entry.id   2W2V
#
_cell.length_a   42.202
_cell.length_b   94.529
_cell.length_c   107.237
_cell.angle_alpha   90.00
_cell.angle_beta   89.99
_cell.angle_gamma   90.00
#
_symmetry.space_group_name_H-M   'P 1 21 1'
#
loop_
_entity.id
_entity.type
_entity.pdbx_description
1 polymer 'RAS-RELATED C3 BOTULINUM TOXIN SUBSTRATE 2'
2 non-polymer "GUANOSINE-5'-TRIPHOSPHATE"
3 water water
#
_entity_poly.entity_id   1
_entity_poly.type   'polypeptide(L)'
_entity_poly.pdbx_seq_one_letter_code
;GGGSGGSMQAIKCVVVGDVAVGKTCLLISYTTNAFPGEYIPTVFDNYSANVMVDSKPVNLGLWDTAGQEDYDRLRPLSYP
QTDVFLICFSLVSPASYENVRAKWFPEVRHHCPSTPIILVGTKLDLRDDKDTIEKLKEKKLAPITYPQGLALAKEIDSVK
YLECSALTQRGLKTVFDEAIRAVL
;
_entity_poly.pdbx_strand_id   A,B,C,D
#
# COMPACT_ATOMS: atom_id res chain seq x y z
N MET A 8 9.16 2.30 -14.08
CA MET A 8 8.32 1.31 -14.74
C MET A 8 8.59 -0.09 -14.19
N GLN A 9 9.85 -0.52 -14.21
CA GLN A 9 10.21 -1.84 -13.73
C GLN A 9 10.33 -1.91 -12.22
N ALA A 10 9.68 -2.91 -11.63
CA ALA A 10 9.72 -3.10 -10.18
C ALA A 10 10.77 -4.14 -9.80
N ILE A 11 11.63 -3.79 -8.87
CA ILE A 11 12.69 -4.69 -8.42
C ILE A 11 12.71 -4.83 -6.90
N LYS A 12 12.67 -6.07 -6.42
CA LYS A 12 12.70 -6.34 -4.99
C LYS A 12 14.12 -6.62 -4.51
N CYS A 13 14.51 -5.97 -3.42
CA CYS A 13 15.84 -6.13 -2.86
C CYS A 13 15.79 -6.34 -1.35
N VAL A 14 16.32 -7.47 -0.89
CA VAL A 14 16.33 -7.80 0.54
C VAL A 14 17.73 -7.70 1.13
N VAL A 15 17.84 -7.00 2.25
CA VAL A 15 19.13 -6.82 2.92
C VAL A 15 19.27 -7.74 4.12
N VAL A 16 20.31 -8.56 4.12
CA VAL A 16 20.55 -9.49 5.22
C VAL A 16 21.96 -9.34 5.78
N GLY A 17 22.18 -9.89 6.98
CA GLY A 17 23.47 -9.83 7.62
C GLY A 17 23.38 -9.65 9.12
N ASP A 18 24.52 -9.81 9.80
CA ASP A 18 24.58 -9.71 11.25
C ASP A 18 23.97 -8.41 11.79
N VAL A 19 23.43 -8.49 13.00
CA VAL A 19 22.87 -7.32 13.65
C VAL A 19 23.97 -6.30 13.94
N ALA A 20 23.68 -5.04 13.62
CA ALA A 20 24.58 -3.92 13.91
C ALA A 20 25.64 -3.67 12.84
N VAL A 21 25.52 -4.35 11.71
CA VAL A 21 26.44 -4.13 10.60
C VAL A 21 26.08 -2.85 9.84
N GLY A 22 24.90 -2.31 10.14
CA GLY A 22 24.45 -1.07 9.54
C GLY A 22 23.46 -1.26 8.41
N LYS A 23 22.60 -2.25 8.55
CA LYS A 23 21.61 -2.55 7.52
C LYS A 23 20.52 -1.48 7.41
N THR A 24 19.96 -1.07 8.56
CA THR A 24 18.90 -0.07 8.56
C THR A 24 19.43 1.29 8.16
N CYS A 25 20.55 1.70 8.75
CA CYS A 25 21.17 2.98 8.40
C CYS A 25 21.49 3.00 6.91
N LEU A 26 21.99 1.88 6.39
CA LEU A 26 22.27 1.75 4.97
C LEU A 26 21.06 2.12 4.13
N LEU A 27 19.94 1.46 4.41
CA LEU A 27 18.72 1.66 3.64
C LEU A 27 18.13 3.06 3.82
N ILE A 28 18.14 3.55 5.05
CA ILE A 28 17.58 4.87 5.35
C ILE A 28 18.46 5.99 4.79
N SER A 29 19.77 5.84 4.94
CA SER A 29 20.71 6.84 4.44
C SER A 29 20.63 6.95 2.93
N TYR A 30 20.33 5.83 2.26
CA TYR A 30 20.21 5.81 0.81
C TYR A 30 18.89 6.43 0.36
N THR A 31 17.80 6.02 1.00
CA THR A 31 16.47 6.47 0.59
C THR A 31 16.19 7.93 0.89
N THR A 32 16.91 8.50 1.86
CA THR A 32 16.66 9.89 2.26
C THR A 32 17.93 10.76 2.24
N ASN A 33 19.04 10.17 1.82
CA ASN A 33 20.29 10.93 1.72
C ASN A 33 20.71 11.58 3.03
N ALA A 34 20.33 10.95 4.14
CA ALA A 34 20.69 11.45 5.46
C ALA A 34 20.95 10.31 6.43
N PHE A 35 21.86 10.52 7.38
CA PHE A 35 22.28 9.46 8.29
C PHE A 35 21.62 9.56 9.66
N PRO A 36 20.91 8.49 10.05
CA PRO A 36 20.29 8.38 11.38
C PRO A 36 21.33 8.33 12.49
N ILE A 40 17.56 5.97 15.20
CA ILE A 40 17.44 4.74 14.43
C ILE A 40 16.15 4.00 14.78
N PRO A 41 15.27 3.82 13.79
CA PRO A 41 13.99 3.13 13.98
C PRO A 41 14.20 1.69 14.43
N THR A 42 13.43 1.25 15.42
CA THR A 42 13.55 -0.11 15.93
C THR A 42 12.64 -1.07 15.16
N VAL A 43 11.59 -0.52 14.55
CA VAL A 43 10.65 -1.33 13.78
C VAL A 43 11.26 -1.75 12.45
N PHE A 44 11.34 -3.05 12.22
CA PHE A 44 11.84 -3.58 10.96
C PHE A 44 10.85 -3.25 9.84
N ASP A 45 11.33 -2.52 8.84
CA ASP A 45 10.44 -1.97 7.83
C ASP A 45 10.99 -2.17 6.42
N ASN A 46 10.18 -1.83 5.43
CA ASN A 46 10.64 -1.80 4.04
C ASN A 46 10.55 -0.39 3.48
N TYR A 47 11.44 -0.07 2.55
CA TYR A 47 11.50 1.27 1.99
C TYR A 47 11.41 1.22 0.47
N SER A 48 11.45 2.38 -0.17
CA SER A 48 11.32 2.46 -1.62
C SER A 48 12.10 3.64 -2.18
N ALA A 49 12.33 3.60 -3.50
CA ALA A 49 13.05 4.67 -4.17
C ALA A 49 12.89 4.59 -5.69
N ASN A 50 12.67 5.75 -6.31
CA ASN A 50 12.60 5.84 -7.76
C ASN A 50 13.92 6.34 -8.31
N VAL A 51 14.64 5.47 -9.01
CA VAL A 51 15.97 5.79 -9.50
C VAL A 51 16.15 5.37 -10.97
N MET A 52 17.00 6.10 -11.68
CA MET A 52 17.27 5.81 -13.08
C MET A 52 18.56 5.01 -13.25
N VAL A 53 18.44 3.84 -13.88
CA VAL A 53 19.60 2.99 -14.13
C VAL A 53 19.70 2.61 -15.60
N PRO A 57 14.13 3.14 -16.03
CA PRO A 57 13.17 3.53 -14.98
C PRO A 57 12.93 2.38 -14.00
N VAL A 58 13.39 2.55 -12.77
CA VAL A 58 13.29 1.48 -11.77
C VAL A 58 12.68 1.93 -10.45
N ASN A 59 11.72 1.15 -9.96
CA ASN A 59 11.19 1.35 -8.62
C ASN A 59 11.77 0.29 -7.69
N LEU A 60 12.78 0.67 -6.92
CA LEU A 60 13.48 -0.28 -6.06
C LEU A 60 12.81 -0.43 -4.70
N GLY A 61 12.45 -1.66 -4.35
CA GLY A 61 11.86 -1.95 -3.06
C GLY A 61 12.89 -2.51 -2.10
N LEU A 62 13.22 -1.75 -1.06
CA LEU A 62 14.25 -2.17 -0.11
C LEU A 62 13.62 -2.83 1.11
N TRP A 63 13.92 -4.10 1.33
CA TRP A 63 13.37 -4.86 2.43
C TRP A 63 14.41 -5.11 3.53
N ASP A 64 14.15 -4.57 4.72
CA ASP A 64 15.06 -4.76 5.84
C ASP A 64 14.72 -6.06 6.57
N THR A 65 15.69 -6.59 7.30
CA THR A 65 15.50 -7.85 8.01
C THR A 65 16.02 -7.77 9.45
N ALA A 66 15.67 -8.77 10.25
CA ALA A 66 16.19 -8.88 11.61
C ALA A 66 17.19 -10.03 11.66
N GLY A 67 18.47 -9.69 11.81
CA GLY A 67 19.53 -10.67 11.73
C GLY A 67 19.72 -11.52 12.97
N GLN A 68 19.07 -11.15 14.06
CA GLN A 68 19.19 -11.90 15.31
C GLN A 68 18.83 -13.37 15.11
N GLU A 69 19.40 -14.23 15.94
CA GLU A 69 19.14 -15.67 15.84
C GLU A 69 17.68 -15.99 16.15
N ASP A 70 17.08 -15.20 17.03
CA ASP A 70 15.71 -15.45 17.47
C ASP A 70 14.73 -15.45 16.31
N TYR A 71 15.12 -14.86 15.19
CA TYR A 71 14.23 -14.76 14.03
CA TYR A 71 14.22 -14.77 14.04
C TYR A 71 14.74 -15.58 12.85
N ASP A 72 15.61 -16.55 13.16
CA ASP A 72 16.15 -17.42 12.13
C ASP A 72 15.04 -18.12 11.35
N ARG A 73 13.99 -18.50 12.05
CA ARG A 73 12.91 -19.29 11.46
C ARG A 73 11.91 -18.43 10.67
N LEU A 74 11.70 -17.21 11.13
CA LEU A 74 10.69 -16.33 10.53
C LEU A 74 11.26 -15.38 9.48
N ARG A 75 12.52 -15.00 9.64
CA ARG A 75 13.18 -14.07 8.72
C ARG A 75 12.99 -14.44 7.25
N PRO A 76 13.28 -15.70 6.88
CA PRO A 76 13.20 -16.13 5.47
C PRO A 76 11.82 -15.97 4.82
N LEU A 77 10.83 -15.52 5.59
CA LEU A 77 9.50 -15.31 5.03
C LEU A 77 9.49 -14.13 4.07
N SER A 78 10.53 -13.31 4.12
CA SER A 78 10.64 -12.14 3.25
C SER A 78 11.34 -12.50 1.94
N TYR A 79 12.04 -13.64 1.95
CA TYR A 79 12.90 -14.05 0.84
C TYR A 79 12.19 -14.33 -0.49
N PRO A 80 11.02 -14.98 -0.44
CA PRO A 80 10.33 -15.35 -1.68
C PRO A 80 10.16 -14.19 -2.66
N GLN A 81 10.42 -14.45 -3.94
CA GLN A 81 10.27 -13.47 -5.02
C GLN A 81 11.29 -12.34 -4.97
N THR A 82 12.38 -12.54 -4.24
CA THR A 82 13.45 -11.55 -4.20
C THR A 82 14.22 -11.55 -5.52
N ASP A 83 14.49 -10.38 -6.06
CA ASP A 83 15.21 -10.24 -7.32
C ASP A 83 16.72 -10.19 -7.11
N VAL A 84 17.14 -9.62 -5.98
CA VAL A 84 18.56 -9.49 -5.68
C VAL A 84 18.79 -9.30 -4.18
N PHE A 85 19.88 -9.87 -3.68
CA PHE A 85 20.22 -9.79 -2.27
C PHE A 85 21.47 -8.96 -2.01
N LEU A 86 21.46 -8.18 -0.95
CA LEU A 86 22.67 -7.56 -0.44
C LEU A 86 23.05 -8.24 0.87
N ILE A 87 24.09 -9.06 0.84
CA ILE A 87 24.60 -9.67 2.07
C ILE A 87 25.71 -8.79 2.63
N CYS A 88 25.42 -8.13 3.74
CA CYS A 88 26.34 -7.14 4.28
C CYS A 88 27.17 -7.69 5.45
N PHE A 89 28.32 -7.08 5.65
CA PHE A 89 29.17 -7.35 6.80
C PHE A 89 29.91 -6.07 7.15
N SER A 90 30.15 -5.85 8.44
CA SER A 90 30.88 -4.66 8.87
C SER A 90 32.37 -4.80 8.57
N LEU A 91 32.93 -3.82 7.88
CA LEU A 91 34.34 -3.83 7.54
C LEU A 91 35.22 -3.74 8.78
N VAL A 92 34.61 -3.33 9.89
CA VAL A 92 35.32 -3.27 11.17
C VAL A 92 34.80 -4.34 12.13
N SER A 93 34.37 -5.47 11.58
CA SER A 93 33.89 -6.58 12.38
C SER A 93 34.13 -7.91 11.65
N PRO A 94 35.27 -8.55 11.92
CA PRO A 94 35.62 -9.84 11.33
C PRO A 94 34.57 -10.91 11.63
N ALA A 95 33.88 -10.77 12.75
CA ALA A 95 32.84 -11.72 13.14
C ALA A 95 31.71 -11.72 12.11
N SER A 96 31.24 -10.53 11.76
CA SER A 96 30.18 -10.39 10.76
C SER A 96 30.70 -10.83 9.40
N TYR A 97 32.00 -10.70 9.19
CA TYR A 97 32.65 -11.15 7.96
C TYR A 97 32.59 -12.66 7.86
N GLU A 98 32.89 -13.32 8.96
CA GLU A 98 32.91 -14.78 9.02
C GLU A 98 31.51 -15.35 8.79
N ASN A 99 30.52 -14.74 9.44
CA ASN A 99 29.14 -15.20 9.36
C ASN A 99 28.55 -15.15 7.95
N VAL A 100 29.21 -14.44 7.04
CA VAL A 100 28.76 -14.38 5.65
C VAL A 100 28.83 -15.76 5.01
N ARG A 101 29.93 -16.46 5.24
CA ARG A 101 30.10 -17.81 4.72
C ARG A 101 29.56 -18.86 5.69
N ALA A 102 29.54 -18.52 6.97
CA ALA A 102 29.07 -19.45 7.99
C ALA A 102 27.55 -19.50 8.07
N LYS A 103 26.89 -18.39 7.72
CA LYS A 103 25.45 -18.29 7.91
C LYS A 103 24.67 -17.72 6.72
N TRP A 104 24.97 -16.47 6.35
CA TRP A 104 24.12 -15.73 5.43
C TRP A 104 24.09 -16.24 3.99
N PHE A 105 25.26 -16.49 3.41
CA PHE A 105 25.31 -17.03 2.06
C PHE A 105 24.59 -18.38 1.97
N PRO A 106 24.83 -19.27 2.94
CA PRO A 106 24.11 -20.55 2.97
C PRO A 106 22.59 -20.34 3.08
N GLU A 107 22.15 -19.46 3.98
CA GLU A 107 20.73 -19.25 4.20
C GLU A 107 20.02 -18.72 2.96
N VAL A 108 20.58 -17.67 2.36
CA VAL A 108 20.01 -17.08 1.16
C VAL A 108 19.89 -18.12 0.04
N ARG A 109 20.93 -18.94 -0.10
CA ARG A 109 20.98 -19.93 -1.17
C ARG A 109 19.98 -21.07 -0.97
N HIS A 110 19.69 -21.40 0.28
CA HIS A 110 18.75 -22.48 0.57
C HIS A 110 17.34 -22.12 0.11
N HIS A 111 16.98 -20.85 0.26
CA HIS A 111 15.65 -20.38 -0.12
C HIS A 111 15.61 -19.85 -1.54
N CYS A 112 16.71 -19.24 -1.97
CA CYS A 112 16.79 -18.63 -3.30
C CYS A 112 18.13 -18.96 -3.96
N PRO A 113 18.24 -20.16 -4.55
CA PRO A 113 19.47 -20.70 -5.13
C PRO A 113 20.08 -19.88 -6.27
N SER A 114 19.25 -19.25 -7.09
CA SER A 114 19.74 -18.61 -8.31
C SER A 114 19.71 -17.09 -8.29
N THR A 115 19.11 -16.51 -7.25
CA THR A 115 18.99 -15.06 -7.16
C THR A 115 20.34 -14.40 -6.90
N PRO A 116 20.69 -13.38 -7.71
CA PRO A 116 21.96 -12.66 -7.63
C PRO A 116 22.26 -12.13 -6.23
N ILE A 117 23.53 -12.12 -5.86
CA ILE A 117 23.95 -11.60 -4.56
C ILE A 117 25.04 -10.55 -4.71
N ILE A 118 24.86 -9.43 -4.00
CA ILE A 118 25.90 -8.42 -3.90
C ILE A 118 26.49 -8.47 -2.50
N LEU A 119 27.82 -8.59 -2.41
CA LEU A 119 28.48 -8.58 -1.12
C LEU A 119 28.82 -7.14 -0.73
N VAL A 120 28.24 -6.69 0.36
CA VAL A 120 28.39 -5.30 0.78
C VAL A 120 29.22 -5.14 2.05
N GLY A 121 30.35 -4.46 1.93
CA GLY A 121 31.15 -4.07 3.08
C GLY A 121 30.64 -2.73 3.58
N THR A 122 30.44 -2.62 4.89
CA THR A 122 29.83 -1.43 5.46
C THR A 122 30.75 -0.71 6.44
N LYS A 123 30.36 0.52 6.80
CA LYS A 123 31.12 1.33 7.72
C LYS A 123 32.55 1.54 7.24
N LEU A 124 32.70 1.73 5.93
CA LEU A 124 34.01 1.95 5.32
C LEU A 124 34.71 3.14 5.97
N ASP A 125 33.92 4.08 6.46
CA ASP A 125 34.46 5.28 7.09
C ASP A 125 35.24 4.96 8.36
N LEU A 126 35.02 3.78 8.90
CA LEU A 126 35.64 3.40 10.18
C LEU A 126 36.93 2.59 10.01
N ARG A 127 37.18 2.10 8.80
CA ARG A 127 38.35 1.26 8.54
C ARG A 127 39.65 1.99 8.86
N ASP A 128 39.65 3.31 8.73
CA ASP A 128 40.84 4.11 8.97
C ASP A 128 40.77 4.84 10.31
N ASP A 129 39.65 4.69 11.01
CA ASP A 129 39.46 5.36 12.29
C ASP A 129 40.45 4.89 13.34
N LYS A 130 41.10 5.84 13.99
CA LYS A 130 42.13 5.53 14.99
C LYS A 130 41.59 4.67 16.13
N ASP A 131 40.70 5.24 16.93
CA ASP A 131 40.15 4.55 18.10
C ASP A 131 39.53 3.20 17.75
N THR A 132 38.97 3.10 16.55
CA THR A 132 38.34 1.86 16.10
C THR A 132 39.38 0.77 15.88
N ILE A 133 40.43 1.10 15.14
CA ILE A 133 41.54 0.16 14.93
C ILE A 133 42.11 -0.26 16.28
N GLU A 134 42.17 0.70 17.20
CA GLU A 134 42.67 0.44 18.54
C GLU A 134 41.86 -0.67 19.21
N LYS A 135 40.54 -0.55 19.13
CA LYS A 135 39.64 -1.52 19.75
C LYS A 135 39.85 -2.92 19.18
N LEU A 136 39.76 -3.04 17.86
CA LEU A 136 39.95 -4.31 17.19
C LEU A 136 41.31 -4.91 17.53
N LYS A 137 42.32 -4.04 17.64
CA LYS A 137 43.67 -4.49 17.95
C LYS A 137 43.75 -5.13 19.33
N GLU A 138 43.04 -4.56 20.29
CA GLU A 138 43.04 -5.06 21.66
C GLU A 138 42.48 -6.49 21.73
N LYS A 139 41.88 -6.94 20.65
CA LYS A 139 41.28 -8.28 20.59
C LYS A 139 42.00 -9.15 19.58
N LYS A 140 43.14 -8.67 19.09
CA LYS A 140 43.92 -9.40 18.08
C LYS A 140 43.16 -9.47 16.75
N LEU A 141 42.36 -8.44 16.48
CA LEU A 141 41.60 -8.36 15.23
C LEU A 141 41.99 -7.11 14.43
N ALA A 142 41.72 -7.17 13.13
CA ALA A 142 42.00 -6.04 12.25
C ALA A 142 40.90 -5.88 11.20
N PRO A 143 40.66 -4.63 10.76
CA PRO A 143 39.62 -4.34 9.77
C PRO A 143 39.76 -5.19 8.51
N ILE A 144 38.65 -5.47 7.85
CA ILE A 144 38.64 -6.22 6.61
C ILE A 144 39.15 -5.37 5.45
N THR A 145 40.35 -5.70 4.96
CA THR A 145 40.91 -4.99 3.83
C THR A 145 40.10 -5.29 2.58
N TYR A 146 40.33 -4.51 1.52
CA TYR A 146 39.59 -4.70 0.28
C TYR A 146 39.83 -6.09 -0.35
N PRO A 147 41.10 -6.48 -0.49
CA PRO A 147 41.38 -7.81 -1.06
C PRO A 147 40.63 -8.91 -0.33
N GLN A 148 40.60 -8.82 1.00
CA GLN A 148 39.89 -9.80 1.81
C GLN A 148 38.41 -9.86 1.47
N GLY A 149 37.79 -8.68 1.38
CA GLY A 149 36.39 -8.58 1.00
C GLY A 149 36.14 -9.12 -0.39
N LEU A 150 37.07 -8.82 -1.30
CA LEU A 150 36.97 -9.29 -2.68
C LEU A 150 37.09 -10.82 -2.72
N ALA A 151 37.93 -11.36 -1.84
CA ALA A 151 38.12 -12.80 -1.75
C ALA A 151 36.82 -13.50 -1.39
N LEU A 152 36.18 -13.01 -0.33
CA LEU A 152 34.92 -13.58 0.12
C LEU A 152 33.86 -13.53 -0.98
N ALA A 153 33.79 -12.40 -1.67
CA ALA A 153 32.84 -12.23 -2.77
C ALA A 153 33.04 -13.31 -3.82
N LYS A 154 34.31 -13.58 -4.15
CA LYS A 154 34.64 -14.61 -5.12
C LYS A 154 34.26 -16.00 -4.62
N GLU A 155 34.52 -16.26 -3.34
CA GLU A 155 34.16 -17.52 -2.73
C GLU A 155 32.70 -17.85 -3.01
N ILE A 156 31.83 -16.95 -2.58
CA ILE A 156 30.38 -17.13 -2.71
C ILE A 156 29.90 -16.75 -4.11
N ASP A 157 30.83 -16.34 -4.96
CA ASP A 157 30.51 -15.96 -6.34
C ASP A 157 29.45 -14.86 -6.40
N SER A 158 29.73 -13.74 -5.74
CA SER A 158 28.83 -12.59 -5.79
C SER A 158 28.91 -11.94 -7.15
N VAL A 159 27.79 -11.33 -7.58
CA VAL A 159 27.78 -10.58 -8.83
C VAL A 159 28.77 -9.44 -8.75
N LYS A 160 28.96 -8.92 -7.54
CA LYS A 160 29.80 -7.76 -7.34
C LYS A 160 30.20 -7.63 -5.86
N TYR A 161 31.36 -7.06 -5.61
CA TYR A 161 31.74 -6.68 -4.25
C TYR A 161 31.89 -5.17 -4.16
N LEU A 162 31.17 -4.57 -3.22
CA LEU A 162 31.13 -3.12 -3.11
C LEU A 162 31.21 -2.66 -1.66
N GLU A 163 32.11 -1.71 -1.40
CA GLU A 163 32.27 -1.15 -0.07
C GLU A 163 31.61 0.22 0.01
N CYS A 164 30.92 0.48 1.11
CA CYS A 164 30.24 1.76 1.28
C CYS A 164 30.23 2.22 2.73
N SER A 165 29.72 3.43 2.94
CA SER A 165 29.59 3.99 4.28
C SER A 165 28.29 4.80 4.35
N ALA A 166 27.37 4.38 5.21
CA ALA A 166 26.10 5.05 5.35
C ALA A 166 26.26 6.43 5.98
N LEU A 167 27.37 6.63 6.68
CA LEU A 167 27.62 7.88 7.38
C LEU A 167 28.05 8.98 6.41
N THR A 168 28.88 8.62 5.44
CA THR A 168 29.38 9.59 4.47
C THR A 168 28.73 9.38 3.10
N GLN A 169 28.00 8.28 2.95
CA GLN A 169 27.27 7.96 1.73
C GLN A 169 28.20 7.65 0.56
N ARG A 170 29.49 7.54 0.84
CA ARG A 170 30.47 7.19 -0.19
C ARG A 170 30.24 5.76 -0.68
N GLY A 171 30.07 5.60 -1.98
CA GLY A 171 29.87 4.30 -2.58
C GLY A 171 28.47 3.76 -2.39
N LEU A 172 27.65 4.49 -1.64
CA LEU A 172 26.29 4.07 -1.34
C LEU A 172 25.45 3.94 -2.61
N LYS A 173 25.43 5.00 -3.40
CA LYS A 173 24.66 5.02 -4.64
C LYS A 173 25.08 3.89 -5.59
N THR A 174 26.37 3.58 -5.59
CA THR A 174 26.90 2.52 -6.44
C THR A 174 26.32 1.16 -6.06
N VAL A 175 26.29 0.88 -4.76
CA VAL A 175 25.80 -0.40 -4.25
C VAL A 175 24.44 -0.77 -4.84
N PHE A 176 23.52 0.19 -4.83
CA PHE A 176 22.15 -0.06 -5.27
C PHE A 176 21.99 0.00 -6.79
N ASP A 177 22.83 0.80 -7.45
CA ASP A 177 22.84 0.85 -8.91
C ASP A 177 23.23 -0.52 -9.45
N GLU A 178 24.26 -1.11 -8.86
CA GLU A 178 24.75 -2.42 -9.27
C GLU A 178 23.78 -3.53 -8.88
N ALA A 179 23.14 -3.37 -7.73
CA ALA A 179 22.11 -4.31 -7.30
C ALA A 179 20.98 -4.31 -8.33
N ILE A 180 20.77 -3.16 -8.97
CA ILE A 180 19.76 -3.02 -10.00
C ILE A 180 20.25 -3.61 -11.32
N ARG A 181 21.48 -3.30 -11.70
CA ARG A 181 22.08 -3.83 -12.92
C ARG A 181 22.20 -5.35 -12.85
N ALA A 182 22.19 -5.89 -11.63
CA ALA A 182 22.23 -7.33 -11.43
C ALA A 182 20.87 -7.95 -11.74
N VAL A 183 19.93 -7.09 -12.12
CA VAL A 183 18.57 -7.53 -12.42
C VAL A 183 18.20 -7.22 -13.88
N LEU A 184 18.49 -5.99 -14.30
CA LEU A 184 18.18 -5.54 -15.65
C LEU A 184 18.96 -6.33 -16.69
N GLN B 9 0.32 3.33 -10.66
CA GLN B 9 -0.13 4.71 -10.78
C GLN B 9 0.81 5.68 -10.09
N ALA B 10 1.39 6.59 -10.86
CA ALA B 10 2.36 7.55 -10.33
C ALA B 10 1.69 8.87 -9.94
N ILE B 11 1.80 9.23 -8.67
CA ILE B 11 1.21 10.47 -8.17
C ILE B 11 2.28 11.42 -7.65
N LYS B 12 2.22 12.67 -8.08
CA LYS B 12 3.17 13.68 -7.64
C LYS B 12 2.57 14.58 -6.56
N CYS B 13 3.22 14.64 -5.41
CA CYS B 13 2.76 15.46 -4.29
C CYS B 13 3.82 16.46 -3.85
N VAL B 14 3.50 17.74 -3.90
CA VAL B 14 4.44 18.79 -3.51
C VAL B 14 4.03 19.41 -2.17
N VAL B 15 5.01 19.59 -1.29
CA VAL B 15 4.77 20.13 0.04
C VAL B 15 5.28 21.56 0.16
N VAL B 16 4.40 22.48 0.55
CA VAL B 16 4.78 23.88 0.71
C VAL B 16 4.40 24.41 2.09
N GLY B 17 4.89 25.60 2.41
CA GLY B 17 4.62 26.22 3.70
C GLY B 17 5.85 26.91 4.27
N ASP B 18 5.62 27.78 5.25
CA ASP B 18 6.70 28.53 5.88
C ASP B 18 7.86 27.64 6.29
N VAL B 19 9.05 28.23 6.37
CA VAL B 19 10.21 27.52 6.88
C VAL B 19 9.96 27.12 8.33
N ALA B 20 10.34 25.88 8.67
CA ALA B 20 10.27 25.40 10.05
C ALA B 20 8.86 25.03 10.52
N VAL B 21 7.98 24.70 9.57
CA VAL B 21 6.66 24.18 9.93
C VAL B 21 6.72 22.67 10.04
N GLY B 22 7.86 22.10 9.67
CA GLY B 22 8.08 20.67 9.78
C GLY B 22 7.86 19.92 8.48
N LYS B 23 8.12 20.57 7.36
CA LYS B 23 7.89 19.96 6.05
C LYS B 23 8.81 18.76 5.81
N THR B 24 10.10 18.92 6.11
CA THR B 24 11.07 17.86 5.89
C THR B 24 10.90 16.72 6.89
N CYS B 25 10.81 17.06 8.18
CA CYS B 25 10.57 16.06 9.21
C CYS B 25 9.33 15.24 8.87
N LEU B 26 8.30 15.93 8.39
CA LEU B 26 7.09 15.26 7.92
C LEU B 26 7.41 14.18 6.89
N LEU B 27 8.04 14.60 5.78
CA LEU B 27 8.33 13.69 4.68
C LEU B 27 9.25 12.54 5.10
N ILE B 28 10.19 12.84 5.99
CA ILE B 28 11.15 11.83 6.44
C ILE B 28 10.52 10.87 7.46
N SER B 29 9.69 11.40 8.34
CA SER B 29 9.00 10.59 9.33
C SER B 29 8.06 9.60 8.65
N TYR B 30 7.47 10.04 7.53
CA TYR B 30 6.49 9.22 6.82
C TYR B 30 7.13 8.08 6.04
N THR B 31 8.14 8.40 5.24
CA THR B 31 8.74 7.43 4.33
C THR B 31 9.65 6.40 5.01
N THR B 32 10.18 6.75 6.18
CA THR B 32 11.10 5.85 6.88
C THR B 32 10.74 5.64 8.35
N ASN B 33 9.54 6.06 8.74
CA ASN B 33 9.05 5.89 10.10
C ASN B 33 10.04 6.36 11.17
N ALA B 34 10.75 7.46 10.89
CA ALA B 34 11.73 7.98 11.84
C ALA B 34 11.70 9.51 11.88
N PHE B 35 11.70 10.06 13.09
CA PHE B 35 11.71 11.51 13.26
C PHE B 35 13.12 12.00 13.56
N PRO B 36 13.68 12.80 12.63
CA PRO B 36 15.05 13.34 12.73
C PRO B 36 15.21 14.29 13.90
N GLY B 37 14.48 15.40 13.89
CA GLY B 37 14.57 16.39 14.94
C GLY B 37 16.00 16.86 15.19
N ILE B 40 18.67 16.71 10.95
CA ILE B 40 17.77 17.04 9.85
C ILE B 40 18.54 17.43 8.59
N PRO B 41 18.26 16.74 7.47
CA PRO B 41 18.93 16.99 6.19
C PRO B 41 18.68 18.41 5.71
N THR B 42 19.72 19.09 5.24
CA THR B 42 19.59 20.47 4.79
C THR B 42 19.42 20.56 3.28
N VAL B 43 19.75 19.47 2.58
CA VAL B 43 19.60 19.43 1.13
C VAL B 43 18.14 19.18 0.75
N PHE B 44 17.48 20.24 0.26
CA PHE B 44 16.11 20.11 -0.20
C PHE B 44 16.01 18.96 -1.20
N ASP B 45 15.24 17.94 -0.84
CA ASP B 45 15.26 16.70 -1.59
C ASP B 45 13.87 16.25 -2.01
N ASN B 46 13.81 15.11 -2.68
CA ASN B 46 12.54 14.47 -3.00
C ASN B 46 12.60 13.00 -2.59
N TYR B 47 11.45 12.44 -2.24
CA TYR B 47 11.39 11.05 -1.79
C TYR B 47 10.28 10.30 -2.52
N SER B 48 10.14 9.02 -2.21
CA SER B 48 9.10 8.22 -2.82
C SER B 48 8.63 7.10 -1.89
N ALA B 49 7.43 6.59 -2.14
CA ALA B 49 6.85 5.56 -1.29
C ALA B 49 5.82 4.71 -2.05
N ASN B 50 5.84 3.41 -1.80
CA ASN B 50 4.86 2.51 -2.37
C ASN B 50 3.79 2.19 -1.33
N VAL B 51 2.59 2.73 -1.52
CA VAL B 51 1.52 2.58 -0.55
C VAL B 51 0.23 2.08 -1.18
N MET B 52 -0.41 1.12 -0.53
CA MET B 52 -1.68 0.59 -1.00
C MET B 52 -2.85 1.33 -0.35
N VAL B 53 -3.43 2.28 -1.08
CA VAL B 53 -4.59 3.00 -0.61
C VAL B 53 -5.85 2.46 -1.29
N ASP B 54 -6.83 2.05 -0.48
CA ASP B 54 -8.02 1.39 -0.99
C ASP B 54 -7.62 0.11 -1.72
N SER B 55 -8.06 -0.02 -2.97
CA SER B 55 -7.73 -1.20 -3.76
C SER B 55 -6.88 -0.85 -4.97
N LYS B 56 -5.83 -0.06 -4.76
CA LYS B 56 -4.97 0.37 -5.85
C LYS B 56 -3.52 0.55 -5.41
N PRO B 57 -2.58 0.09 -6.24
CA PRO B 57 -1.14 0.27 -6.02
C PRO B 57 -0.73 1.68 -6.39
N VAL B 58 -0.02 2.37 -5.50
CA VAL B 58 0.37 3.75 -5.73
C VAL B 58 1.83 4.03 -5.41
N ASN B 59 2.54 4.62 -6.37
CA ASN B 59 3.87 5.13 -6.13
C ASN B 59 3.82 6.62 -5.88
N LEU B 60 4.10 7.03 -4.65
CA LEU B 60 3.94 8.42 -4.25
C LEU B 60 5.24 9.20 -4.30
N GLY B 61 5.32 10.14 -5.24
CA GLY B 61 6.46 11.04 -5.32
C GLY B 61 6.29 12.21 -4.38
N LEU B 62 7.22 12.36 -3.45
CA LEU B 62 7.15 13.42 -2.46
C LEU B 62 8.24 14.46 -2.68
N TRP B 63 7.83 15.66 -3.09
CA TRP B 63 8.78 16.72 -3.39
C TRP B 63 8.81 17.79 -2.30
N ASP B 64 9.96 17.95 -1.67
CA ASP B 64 10.15 18.96 -0.64
C ASP B 64 10.42 20.30 -1.32
N THR B 65 10.34 21.39 -0.56
CA THR B 65 10.56 22.72 -1.12
C THR B 65 11.30 23.64 -0.16
N ALA B 66 11.83 24.74 -0.70
CA ALA B 66 12.47 25.76 0.10
C ALA B 66 11.51 26.93 0.27
N GLY B 67 10.98 27.09 1.48
CA GLY B 67 9.99 28.11 1.74
C GLY B 67 10.53 29.51 1.96
N GLN B 68 11.85 29.63 2.08
CA GLN B 68 12.47 30.93 2.31
C GLN B 68 12.12 31.92 1.20
N GLU B 69 12.10 33.20 1.56
CA GLU B 69 11.76 34.26 0.61
C GLU B 69 12.74 34.30 -0.56
N ASP B 70 13.99 33.95 -0.28
CA ASP B 70 15.05 33.99 -1.29
C ASP B 70 14.77 33.10 -2.49
N TYR B 71 13.90 32.11 -2.32
CA TYR B 71 13.58 31.17 -3.39
CA TYR B 71 13.58 31.20 -3.40
C TYR B 71 12.17 31.38 -3.96
N ASP B 72 11.63 32.59 -3.79
CA ASP B 72 10.31 32.90 -4.33
C ASP B 72 10.25 32.63 -5.83
N ARG B 73 11.35 32.90 -6.53
CA ARG B 73 11.38 32.78 -7.99
C ARG B 73 11.54 31.35 -8.49
N LEU B 74 12.46 30.60 -7.89
CA LEU B 74 12.80 29.26 -8.38
C LEU B 74 11.91 28.16 -7.81
N ARG B 75 11.43 28.34 -6.58
CA ARG B 75 10.59 27.34 -5.93
C ARG B 75 9.49 26.78 -6.81
N PRO B 76 8.74 27.67 -7.50
CA PRO B 76 7.62 27.22 -8.34
C PRO B 76 8.03 26.29 -9.48
N LEU B 77 9.33 26.11 -9.69
CA LEU B 77 9.81 25.25 -10.77
C LEU B 77 9.49 23.78 -10.48
N SER B 78 9.23 23.47 -9.22
CA SER B 78 8.90 22.11 -8.81
C SER B 78 7.43 21.82 -9.04
N TYR B 79 6.67 22.85 -9.40
CA TYR B 79 5.21 22.76 -9.47
C TYR B 79 4.64 22.00 -10.67
N PRO B 80 5.18 22.24 -11.88
CA PRO B 80 4.59 21.60 -13.06
C PRO B 80 4.35 20.10 -12.87
N GLN B 81 3.18 19.64 -13.31
CA GLN B 81 2.83 18.22 -13.29
C GLN B 81 2.49 17.69 -11.90
N THR B 82 2.30 18.59 -10.94
CA THR B 82 1.94 18.17 -9.59
C THR B 82 0.48 17.74 -9.54
N ASP B 83 0.22 16.61 -8.89
CA ASP B 83 -1.12 16.05 -8.81
C ASP B 83 -1.87 16.52 -7.57
N VAL B 84 -1.15 16.67 -6.46
CA VAL B 84 -1.76 17.13 -5.22
C VAL B 84 -0.77 17.96 -4.40
N PHE B 85 -1.27 19.01 -3.75
CA PHE B 85 -0.43 19.88 -2.94
C PHE B 85 -0.75 19.73 -1.46
N LEU B 86 0.30 19.68 -0.63
CA LEU B 86 0.15 19.76 0.81
C LEU B 86 0.60 21.14 1.27
N ILE B 87 -0.36 21.98 1.65
CA ILE B 87 -0.03 23.27 2.24
C ILE B 87 0.01 23.14 3.75
N CYS B 88 1.18 23.37 4.33
CA CYS B 88 1.39 23.10 5.75
C CYS B 88 1.58 24.37 6.57
N PHE B 89 0.98 24.40 7.75
CA PHE B 89 1.23 25.43 8.73
C PHE B 89 1.42 24.76 10.09
N SER B 90 2.31 25.32 10.91
CA SER B 90 2.51 24.80 12.25
C SER B 90 1.31 25.14 13.14
N LEU B 91 0.76 24.12 13.79
CA LEU B 91 -0.39 24.31 14.67
C LEU B 91 -0.03 25.22 15.84
N VAL B 92 1.26 25.40 16.08
CA VAL B 92 1.72 26.26 17.16
C VAL B 92 2.41 27.51 16.63
N SER B 93 2.03 27.91 15.42
CA SER B 93 2.57 29.12 14.82
C SER B 93 1.50 29.88 14.04
N PRO B 94 0.85 30.84 14.70
CA PRO B 94 -0.17 31.69 14.05
C PRO B 94 0.39 32.34 12.78
N ALA B 95 1.67 32.66 12.80
CA ALA B 95 2.33 33.30 11.65
C ALA B 95 2.23 32.43 10.41
N SER B 96 2.57 31.15 10.55
CA SER B 96 2.51 30.21 9.44
C SER B 96 1.06 29.98 9.00
N TYR B 97 0.14 30.06 9.96
CA TYR B 97 -1.28 29.95 9.68
C TYR B 97 -1.71 31.10 8.79
N GLU B 98 -1.29 32.31 9.16
CA GLU B 98 -1.59 33.51 8.39
C GLU B 98 -1.06 33.40 6.96
N ASN B 99 0.20 33.04 6.83
CA ASN B 99 0.84 32.96 5.52
C ASN B 99 0.21 31.96 4.55
N VAL B 100 -0.69 31.13 5.06
CA VAL B 100 -1.44 30.22 4.19
C VAL B 100 -2.37 31.01 3.29
N ARG B 101 -3.06 32.00 3.88
CA ARG B 101 -3.95 32.87 3.12
C ARG B 101 -3.18 34.03 2.53
N ALA B 102 -2.09 34.42 3.18
CA ALA B 102 -1.28 35.56 2.75
C ALA B 102 -0.34 35.21 1.60
N LYS B 103 0.12 33.97 1.54
CA LYS B 103 1.18 33.61 0.61
C LYS B 103 0.97 32.30 -0.16
N TRP B 104 0.80 31.21 0.58
CA TRP B 104 0.89 29.87 -0.01
C TRP B 104 -0.29 29.46 -0.90
N PHE B 105 -1.51 29.70 -0.43
CA PHE B 105 -2.69 29.39 -1.24
C PHE B 105 -2.69 30.20 -2.54
N PRO B 106 -2.38 31.51 -2.45
CA PRO B 106 -2.27 32.33 -3.67
C PRO B 106 -1.20 31.83 -4.63
N GLU B 107 0.00 31.57 -4.12
CA GLU B 107 1.09 31.09 -4.98
C GLU B 107 0.73 29.79 -5.68
N VAL B 108 0.23 28.82 -4.92
CA VAL B 108 -0.14 27.54 -5.48
C VAL B 108 -1.19 27.67 -6.58
N ARG B 109 -2.21 28.48 -6.32
CA ARG B 109 -3.29 28.69 -7.29
C ARG B 109 -2.81 29.47 -8.51
N HIS B 110 -1.84 30.34 -8.31
CA HIS B 110 -1.30 31.14 -9.41
C HIS B 110 -0.60 30.27 -10.45
N HIS B 111 0.06 29.21 -9.98
CA HIS B 111 0.78 28.31 -10.86
C HIS B 111 -0.07 27.09 -11.22
N CYS B 112 -0.84 26.61 -10.27
CA CYS B 112 -1.68 25.44 -10.47
C CYS B 112 -3.10 25.69 -9.95
N PRO B 113 -3.96 26.21 -10.84
CA PRO B 113 -5.34 26.61 -10.51
C PRO B 113 -6.26 25.47 -10.09
N SER B 114 -6.18 24.33 -10.78
CA SER B 114 -7.14 23.26 -10.58
C SER B 114 -6.61 22.05 -9.81
N THR B 115 -5.36 22.12 -9.38
CA THR B 115 -4.76 21.00 -8.64
C THR B 115 -5.32 20.93 -7.22
N PRO B 116 -5.73 19.73 -6.80
CA PRO B 116 -6.24 19.50 -5.45
C PRO B 116 -5.27 20.02 -4.38
N ILE B 117 -5.80 20.40 -3.23
CA ILE B 117 -4.98 20.90 -2.14
C ILE B 117 -5.41 20.30 -0.79
N ILE B 118 -4.44 19.87 0.00
CA ILE B 118 -4.70 19.38 1.34
C ILE B 118 -4.06 20.30 2.36
N LEU B 119 -4.87 20.82 3.28
CA LEU B 119 -4.36 21.67 4.35
C LEU B 119 -3.94 20.81 5.53
N VAL B 120 -2.65 20.83 5.83
CA VAL B 120 -2.11 20.02 6.91
C VAL B 120 -1.62 20.86 8.08
N GLY B 121 -2.14 20.58 9.26
CA GLY B 121 -1.64 21.18 10.48
C GLY B 121 -0.55 20.31 11.05
N THR B 122 0.56 20.91 11.46
CA THR B 122 1.73 20.14 11.88
C THR B 122 2.14 20.42 13.32
N LYS B 123 3.03 19.58 13.84
CA LYS B 123 3.49 19.69 15.23
C LYS B 123 2.31 19.57 16.19
N LEU B 124 1.35 18.73 15.83
CA LEU B 124 0.17 18.49 16.65
C LEU B 124 0.55 18.17 18.09
N ASP B 125 1.64 17.45 18.26
CA ASP B 125 2.12 17.06 19.58
C ASP B 125 2.41 18.27 20.47
N LEU B 126 2.62 19.42 19.86
CA LEU B 126 3.01 20.63 20.60
C LEU B 126 1.83 21.45 21.09
N ARG B 127 0.66 21.25 20.49
CA ARG B 127 -0.52 22.04 20.86
C ARG B 127 -0.81 21.93 22.35
N ASP B 128 -0.73 20.71 22.89
CA ASP B 128 -0.89 20.50 24.32
C ASP B 128 0.48 20.39 24.98
N ASP B 129 1.15 21.52 25.13
CA ASP B 129 2.49 21.55 25.70
C ASP B 129 2.71 22.84 26.50
N LYS B 130 2.97 22.69 27.80
CA LYS B 130 3.13 23.82 28.69
C LYS B 130 4.15 24.84 28.19
N ASP B 131 5.40 24.42 28.07
CA ASP B 131 6.49 25.31 27.67
C ASP B 131 6.16 26.15 26.44
N THR B 132 5.45 25.54 25.49
CA THR B 132 5.11 26.20 24.24
C THR B 132 4.01 27.24 24.42
N ILE B 133 2.89 26.81 24.99
CA ILE B 133 1.73 27.67 25.19
C ILE B 133 2.11 28.96 25.93
N GLU B 134 3.00 28.84 26.91
CA GLU B 134 3.43 30.00 27.69
C GLU B 134 4.18 31.01 26.83
N LYS B 135 5.16 30.52 26.06
CA LYS B 135 5.93 31.38 25.18
C LYS B 135 5.02 32.16 24.24
N LEU B 136 3.98 31.48 23.74
CA LEU B 136 3.00 32.10 22.86
C LEU B 136 2.16 33.12 23.60
N LYS B 140 1.25 37.32 23.39
CA LYS B 140 -0.20 37.23 23.43
C LYS B 140 -0.74 36.35 22.29
N LEU B 141 -0.18 35.15 22.17
CA LEU B 141 -0.58 34.22 21.12
C LEU B 141 -1.08 32.90 21.68
N ALA B 142 -1.61 32.04 20.81
CA ALA B 142 -2.12 30.75 21.22
C ALA B 142 -2.13 29.76 20.06
N PRO B 143 -2.01 28.46 20.38
CA PRO B 143 -2.02 27.39 19.37
C PRO B 143 -3.28 27.44 18.50
N ILE B 144 -3.18 26.91 17.29
CA ILE B 144 -4.32 26.87 16.38
C ILE B 144 -5.24 25.71 16.75
N THR B 145 -6.48 26.03 17.13
CA THR B 145 -7.45 25.01 17.49
C THR B 145 -7.92 24.27 16.24
N TYR B 146 -8.52 23.10 16.43
CA TYR B 146 -8.98 22.31 15.29
C TYR B 146 -9.98 23.05 14.42
N PRO B 147 -11.02 23.65 15.03
CA PRO B 147 -12.01 24.39 14.25
C PRO B 147 -11.35 25.49 13.41
N GLN B 148 -10.42 26.22 14.01
CA GLN B 148 -9.72 27.30 13.31
C GLN B 148 -9.01 26.76 12.06
N GLY B 149 -8.43 25.57 12.18
CA GLY B 149 -7.83 24.92 11.04
C GLY B 149 -8.88 24.54 10.01
N LEU B 150 -9.98 23.98 10.50
CA LEU B 150 -11.08 23.60 9.62
C LEU B 150 -11.64 24.80 8.88
N ALA B 151 -11.66 25.94 9.55
CA ALA B 151 -12.17 27.18 8.95
C ALA B 151 -11.30 27.63 7.79
N LEU B 152 -10.00 27.75 8.03
CA LEU B 152 -9.05 28.13 6.99
C LEU B 152 -9.14 27.17 5.81
N ALA B 153 -9.34 25.89 6.11
CA ALA B 153 -9.44 24.87 5.08
C ALA B 153 -10.63 25.13 4.17
N LYS B 154 -11.78 25.47 4.76
CA LYS B 154 -12.96 25.78 3.99
C LYS B 154 -12.79 27.11 3.26
N GLU B 155 -12.09 28.03 3.92
CA GLU B 155 -11.85 29.36 3.36
C GLU B 155 -11.11 29.27 2.02
N ILE B 156 -10.07 28.44 1.98
CA ILE B 156 -9.27 28.30 0.77
C ILE B 156 -9.77 27.14 -0.09
N ASP B 157 -10.93 26.61 0.27
CA ASP B 157 -11.57 25.54 -0.49
C ASP B 157 -10.67 24.33 -0.67
N SER B 158 -10.01 23.91 0.41
CA SER B 158 -9.19 22.71 0.38
C SER B 158 -10.06 21.50 0.09
N VAL B 159 -9.44 20.36 -0.21
CA VAL B 159 -10.18 19.13 -0.38
C VAL B 159 -10.36 18.45 0.97
N LYS B 160 -9.43 18.67 1.87
CA LYS B 160 -9.50 18.10 3.21
C LYS B 160 -8.61 18.85 4.19
N TYR B 161 -8.94 18.78 5.47
CA TYR B 161 -8.09 19.33 6.52
C TYR B 161 -7.64 18.20 7.44
N LEU B 162 -6.35 18.13 7.70
CA LEU B 162 -5.78 17.04 8.50
C LEU B 162 -4.66 17.56 9.40
N GLU B 163 -4.59 17.01 10.61
CA GLU B 163 -3.58 17.42 11.56
C GLU B 163 -2.54 16.32 11.74
N CYS B 164 -1.27 16.69 11.65
CA CYS B 164 -0.19 15.72 11.67
C CYS B 164 0.82 15.98 12.77
N SER B 165 1.51 14.92 13.16
CA SER B 165 2.60 15.01 14.12
C SER B 165 3.74 14.14 13.60
N ALA B 166 4.86 14.78 13.25
CA ALA B 166 6.01 14.05 12.73
C ALA B 166 6.76 13.35 13.85
N LEU B 167 6.72 13.95 15.04
CA LEU B 167 7.41 13.41 16.20
C LEU B 167 6.81 12.08 16.63
N THR B 168 5.48 12.03 16.71
CA THR B 168 4.77 10.84 17.18
C THR B 168 4.13 10.06 16.04
N GLN B 169 4.05 10.69 14.87
CA GLN B 169 3.48 10.07 13.67
C GLN B 169 1.96 9.93 13.77
N ARG B 170 1.37 10.51 14.80
CA ARG B 170 -0.08 10.48 14.98
C ARG B 170 -0.79 11.20 13.84
N GLY B 171 -1.47 10.44 12.99
CA GLY B 171 -2.22 11.00 11.89
C GLY B 171 -1.37 11.33 10.68
N LEU B 172 -0.16 10.78 10.64
CA LEU B 172 0.76 11.04 9.53
C LEU B 172 0.37 10.25 8.29
N LYS B 173 0.07 8.96 8.48
CA LYS B 173 -0.29 8.09 7.38
C LYS B 173 -1.57 8.56 6.68
N THR B 174 -2.49 9.11 7.46
CA THR B 174 -3.75 9.60 6.91
C THR B 174 -3.54 10.77 5.96
N VAL B 175 -2.62 11.66 6.31
CA VAL B 175 -2.33 12.83 5.50
C VAL B 175 -2.10 12.47 4.04
N PHE B 176 -1.23 11.49 3.80
CA PHE B 176 -0.90 11.09 2.44
C PHE B 176 -1.93 10.13 1.85
N ASP B 177 -2.59 9.36 2.71
CA ASP B 177 -3.69 8.51 2.28
C ASP B 177 -4.75 9.36 1.59
N GLU B 178 -5.13 10.45 2.25
CA GLU B 178 -6.12 11.37 1.70
C GLU B 178 -5.56 12.13 0.51
N ALA B 179 -4.29 12.52 0.60
CA ALA B 179 -3.63 13.19 -0.51
C ALA B 179 -3.73 12.33 -1.76
N ILE B 180 -3.53 11.03 -1.59
CA ILE B 180 -3.66 10.08 -2.69
C ILE B 180 -5.10 10.02 -3.19
N ARG B 181 -6.04 9.86 -2.27
CA ARG B 181 -7.46 9.77 -2.61
C ARG B 181 -7.96 11.05 -3.27
N ALA B 182 -7.33 12.17 -2.94
CA ALA B 182 -7.70 13.46 -3.53
C ALA B 182 -7.43 13.46 -5.03
N VAL B 183 -6.64 12.50 -5.48
CA VAL B 183 -6.28 12.39 -6.89
C VAL B 183 -6.85 11.12 -7.50
N MET C 8 -28.28 7.44 45.85
CA MET C 8 -28.14 8.22 47.08
C MET C 8 -27.10 9.33 46.87
N GLN C 9 -26.56 9.41 45.66
CA GLN C 9 -25.59 10.44 45.31
C GLN C 9 -25.90 10.98 43.91
N ALA C 10 -26.23 12.27 43.84
CA ALA C 10 -26.71 12.87 42.60
C ALA C 10 -25.60 13.14 41.58
N ILE C 11 -25.84 12.73 40.34
CA ILE C 11 -24.90 12.97 39.24
C ILE C 11 -25.66 13.28 37.96
N LYS C 12 -25.30 14.38 37.30
CA LYS C 12 -25.96 14.80 36.07
C LYS C 12 -25.14 14.43 34.83
N CYS C 13 -25.78 13.75 33.89
CA CYS C 13 -25.10 13.29 32.68
C CYS C 13 -25.81 13.76 31.42
N VAL C 14 -25.16 14.66 30.68
CA VAL C 14 -25.71 15.17 29.43
C VAL C 14 -25.18 14.38 28.23
N VAL C 15 -26.06 14.09 27.29
CA VAL C 15 -25.69 13.30 26.11
C VAL C 15 -25.81 14.13 24.84
N VAL C 16 -24.69 14.30 24.14
CA VAL C 16 -24.66 15.10 22.92
C VAL C 16 -24.18 14.29 21.71
N GLY C 17 -24.42 14.82 20.52
CA GLY C 17 -24.00 14.15 19.30
C GLY C 17 -24.96 14.40 18.14
N ASP C 18 -24.52 14.05 16.93
CA ASP C 18 -25.34 14.23 15.74
C ASP C 18 -26.71 13.57 15.89
N VAL C 19 -27.69 14.08 15.16
CA VAL C 19 -29.02 13.51 15.16
C VAL C 19 -28.98 12.13 14.50
N ALA C 20 -29.69 11.17 15.09
CA ALA C 20 -29.82 9.82 14.54
C ALA C 20 -28.61 8.93 14.84
N VAL C 21 -27.79 9.34 15.80
CA VAL C 21 -26.67 8.51 16.22
C VAL C 21 -27.12 7.52 17.31
N GLY C 22 -28.34 7.72 17.80
CA GLY C 22 -28.92 6.80 18.77
C GLY C 22 -28.82 7.27 20.21
N LYS C 23 -28.93 8.56 20.43
CA LYS C 23 -28.83 9.12 21.78
C LYS C 23 -30.04 8.75 22.63
N THR C 24 -31.24 9.02 22.12
CA THR C 24 -32.46 8.72 22.85
C THR C 24 -32.60 7.22 23.13
N CYS C 25 -32.43 6.42 22.09
CA CYS C 25 -32.50 4.97 22.24
C CYS C 25 -31.49 4.51 23.28
N LEU C 26 -30.29 5.06 23.22
CA LEU C 26 -29.25 4.78 24.20
C LEU C 26 -29.78 4.93 25.62
N LEU C 27 -30.33 6.10 25.92
CA LEU C 27 -30.82 6.42 27.26
C LEU C 27 -31.99 5.53 27.65
N ILE C 28 -32.96 5.37 26.76
CA ILE C 28 -34.12 4.55 27.04
C ILE C 28 -33.73 3.08 27.23
N SER C 29 -32.89 2.58 26.33
CA SER C 29 -32.47 1.18 26.37
C SER C 29 -31.73 0.87 27.67
N TYR C 30 -31.01 1.86 28.19
CA TYR C 30 -30.29 1.68 29.44
C TYR C 30 -31.20 1.73 30.66
N THR C 31 -32.05 2.76 30.70
CA THR C 31 -32.92 2.97 31.85
C THR C 31 -34.04 1.93 31.97
N THR C 32 -34.39 1.29 30.86
CA THR C 32 -35.51 0.36 30.85
C THR C 32 -35.14 -1.02 30.32
N ASN C 33 -33.88 -1.17 29.92
CA ASN C 33 -33.40 -2.47 29.43
C ASN C 33 -34.19 -2.96 28.23
N ALA C 34 -34.77 -2.02 27.49
CA ALA C 34 -35.55 -2.35 26.30
C ALA C 34 -35.29 -1.35 25.18
N PHE C 35 -35.31 -1.83 23.94
CA PHE C 35 -34.99 -1.00 22.79
C PHE C 35 -36.25 -0.51 22.08
N PRO C 36 -36.41 0.82 22.00
CA PRO C 36 -37.58 1.44 21.34
C PRO C 36 -37.66 1.05 19.87
N ILE C 40 -40.28 5.35 19.37
CA ILE C 40 -39.24 6.31 19.74
C ILE C 40 -39.85 7.68 20.04
N PRO C 41 -39.74 8.12 21.31
CA PRO C 41 -40.30 9.39 21.77
C PRO C 41 -39.69 10.58 21.03
N THR C 42 -40.53 11.52 20.62
CA THR C 42 -40.07 12.69 19.89
C THR C 42 -39.77 13.87 20.82
N VAL C 43 -40.38 13.85 22.00
CA VAL C 43 -40.16 14.90 22.98
C VAL C 43 -38.81 14.73 23.67
N PHE C 44 -37.92 15.70 23.47
CA PHE C 44 -36.62 15.68 24.11
C PHE C 44 -36.79 15.72 25.62
N ASP C 45 -36.30 14.69 26.29
CA ASP C 45 -36.59 14.52 27.71
C ASP C 45 -35.35 14.19 28.53
N ASN C 46 -35.53 14.06 29.83
CA ASN C 46 -34.49 13.60 30.72
C ASN C 46 -34.97 12.36 31.46
N TYR C 47 -34.04 11.55 31.95
CA TYR C 47 -34.40 10.29 32.59
C TYR C 47 -33.65 10.09 33.90
N SER C 48 -33.85 8.94 34.53
CA SER C 48 -33.24 8.65 35.82
C SER C 48 -32.99 7.17 36.02
N ALA C 49 -31.99 6.85 36.83
CA ALA C 49 -31.65 5.46 37.13
C ALA C 49 -30.82 5.34 38.41
N ASN C 50 -31.22 4.41 39.27
CA ASN C 50 -30.49 4.17 40.51
C ASN C 50 -29.47 3.05 40.34
N VAL C 51 -28.21 3.35 40.64
CA VAL C 51 -27.12 2.41 40.42
C VAL C 51 -25.99 2.59 41.43
N MET C 52 -25.33 1.48 41.76
CA MET C 52 -24.12 1.53 42.59
C MET C 52 -22.90 1.14 41.76
N VAL C 53 -21.77 1.77 42.06
CA VAL C 53 -20.52 1.50 41.34
C VAL C 53 -19.31 1.66 42.24
N VAL C 58 -26.02 5.70 43.97
CA VAL C 58 -25.89 6.81 43.04
C VAL C 58 -27.13 6.97 42.17
N ASN C 59 -27.70 8.17 42.17
CA ASN C 59 -28.82 8.49 41.29
C ASN C 59 -28.31 9.20 40.04
N LEU C 60 -28.45 8.55 38.89
CA LEU C 60 -27.93 9.07 37.64
C LEU C 60 -29.01 9.81 36.85
N GLY C 61 -28.80 11.10 36.63
CA GLY C 61 -29.73 11.90 35.85
C GLY C 61 -29.27 12.07 34.42
N LEU C 62 -30.02 11.47 33.49
CA LEU C 62 -29.65 11.45 32.09
C LEU C 62 -30.40 12.51 31.28
N TRP C 63 -29.64 13.40 30.64
CA TRP C 63 -30.23 14.50 29.88
C TRP C 63 -30.03 14.31 28.37
N ASP C 64 -31.14 14.20 27.63
CA ASP C 64 -31.09 14.09 26.18
C ASP C 64 -30.98 15.48 25.57
N THR C 65 -30.63 15.54 24.30
CA THR C 65 -30.48 16.83 23.63
C THR C 65 -30.98 16.78 22.18
N ALA C 66 -31.20 17.97 21.61
CA ALA C 66 -31.59 18.09 20.21
C ALA C 66 -30.39 18.51 19.38
N GLY C 67 -29.73 17.53 18.78
CA GLY C 67 -28.49 17.76 18.06
C GLY C 67 -28.62 18.60 16.80
N GLN C 68 -29.85 18.78 16.33
CA GLN C 68 -30.08 19.57 15.12
C GLN C 68 -29.42 20.94 15.22
N GLU C 69 -29.17 21.54 14.06
CA GLU C 69 -28.51 22.84 14.01
C GLU C 69 -29.42 23.96 14.48
N ASP C 70 -30.72 23.75 14.34
CA ASP C 70 -31.71 24.76 14.72
C ASP C 70 -31.70 25.05 16.21
N TYR C 71 -31.16 24.13 17.00
CA TYR C 71 -31.08 24.31 18.45
CA TYR C 71 -31.07 24.34 18.44
C TYR C 71 -29.65 24.59 18.91
N ASP C 72 -28.79 24.99 17.97
CA ASP C 72 -27.40 25.31 18.31
C ASP C 72 -27.34 26.33 19.43
N ARG C 73 -28.28 27.28 19.42
CA ARG C 73 -28.24 28.41 20.33
C ARG C 73 -28.84 28.09 21.71
N LEU C 74 -29.85 27.23 21.74
CA LEU C 74 -30.56 26.94 22.98
C LEU C 74 -30.07 25.67 23.67
N ARG C 75 -29.66 24.69 22.89
CA ARG C 75 -29.19 23.40 23.43
C ARG C 75 -28.25 23.55 24.63
N PRO C 76 -27.27 24.46 24.55
CA PRO C 76 -26.30 24.65 25.64
C PRO C 76 -26.93 25.05 26.98
N LEU C 77 -28.22 25.36 26.99
CA LEU C 77 -28.89 25.71 28.24
C LEU C 77 -28.96 24.53 29.18
N SER C 78 -28.80 23.33 28.62
CA SER C 78 -28.86 22.10 29.40
C SER C 78 -27.52 21.79 30.08
N TYR C 79 -26.47 22.48 29.64
CA TYR C 79 -25.11 22.17 30.08
C TYR C 79 -24.74 22.59 31.52
N PRO C 80 -25.24 23.75 31.98
CA PRO C 80 -24.89 24.21 33.32
C PRO C 80 -25.02 23.13 34.39
N GLN C 81 -24.02 23.04 35.28
CA GLN C 81 -24.02 22.11 36.40
C GLN C 81 -23.85 20.64 36.01
N THR C 82 -23.53 20.39 34.74
CA THR C 82 -23.32 19.02 34.28
C THR C 82 -22.09 18.39 34.93
N ASP C 83 -22.23 17.15 35.37
CA ASP C 83 -21.13 16.44 36.03
C ASP C 83 -20.26 15.68 35.05
N VAL C 84 -20.88 15.06 34.05
CA VAL C 84 -20.14 14.28 33.06
C VAL C 84 -20.86 14.27 31.72
N PHE C 85 -20.10 14.41 30.64
CA PHE C 85 -20.66 14.43 29.30
C PHE C 85 -20.46 13.13 28.55
N LEU C 86 -21.46 12.77 27.75
CA LEU C 86 -21.31 11.67 26.80
C LEU C 86 -21.39 12.25 25.39
N ILE C 87 -20.27 12.20 24.68
CA ILE C 87 -20.27 12.60 23.27
C ILE C 87 -20.39 11.36 22.40
N CYS C 88 -21.46 11.31 21.61
CA CYS C 88 -21.79 10.10 20.85
C CYS C 88 -21.60 10.28 19.35
N PHE C 89 -21.14 9.21 18.71
CA PHE C 89 -21.10 9.14 17.25
C PHE C 89 -21.44 7.73 16.83
N SER C 90 -22.08 7.60 15.67
CA SER C 90 -22.46 6.29 15.16
C SER C 90 -21.28 5.60 14.47
N LEU C 91 -21.00 4.37 14.88
CA LEU C 91 -19.89 3.61 14.29
C LEU C 91 -20.16 3.32 12.82
N VAL C 92 -21.38 3.59 12.37
CA VAL C 92 -21.75 3.36 10.99
C VAL C 92 -22.02 4.66 10.22
N SER C 93 -21.51 5.77 10.76
CA SER C 93 -21.58 7.05 10.05
C SER C 93 -20.37 7.91 10.38
N PRO C 94 -19.38 7.93 9.46
CA PRO C 94 -18.17 8.72 9.61
C PRO C 94 -18.47 10.21 9.74
N ALA C 95 -19.60 10.63 9.18
CA ALA C 95 -20.02 12.02 9.27
C ALA C 95 -20.20 12.44 10.72
N SER C 96 -20.89 11.61 11.49
CA SER C 96 -21.10 11.88 12.91
C SER C 96 -19.78 11.76 13.67
N TYR C 97 -18.92 10.87 13.19
CA TYR C 97 -17.59 10.70 13.77
C TYR C 97 -16.78 11.99 13.63
N GLU C 98 -16.80 12.55 12.42
CA GLU C 98 -16.05 13.76 12.12
C GLU C 98 -16.59 14.96 12.89
N ASN C 99 -17.90 14.96 13.13
CA ASN C 99 -18.54 16.07 13.83
C ASN C 99 -18.19 16.11 15.31
N VAL C 100 -17.52 15.07 15.80
CA VAL C 100 -17.05 15.06 17.18
C VAL C 100 -15.98 16.13 17.39
N ARG C 101 -15.04 16.21 16.46
CA ARG C 101 -13.98 17.20 16.53
C ARG C 101 -14.36 18.51 15.86
N ALA C 102 -15.29 18.43 14.91
CA ALA C 102 -15.72 19.61 14.16
C ALA C 102 -16.73 20.44 14.95
N LYS C 103 -17.53 19.80 15.80
CA LYS C 103 -18.61 20.50 16.48
C LYS C 103 -18.76 20.19 17.96
N TRP C 104 -19.02 18.93 18.28
CA TRP C 104 -19.45 18.56 19.64
C TRP C 104 -18.42 18.78 20.74
N PHE C 105 -17.19 18.31 20.54
CA PHE C 105 -16.14 18.52 21.53
C PHE C 105 -15.87 20.00 21.77
N PRO C 106 -15.73 20.78 20.70
CA PRO C 106 -15.54 22.23 20.87
C PRO C 106 -16.72 22.88 21.60
N GLU C 107 -17.93 22.52 21.21
CA GLU C 107 -19.13 23.10 21.82
C GLU C 107 -19.20 22.82 23.32
N VAL C 108 -18.98 21.56 23.70
CA VAL C 108 -19.01 21.17 25.09
C VAL C 108 -17.92 21.87 25.89
N ARG C 109 -16.72 21.94 25.33
CA ARG C 109 -15.58 22.56 25.99
C ARG C 109 -15.74 24.07 26.18
N HIS C 110 -16.49 24.70 25.28
CA HIS C 110 -16.72 26.14 25.37
C HIS C 110 -17.52 26.50 26.63
N HIS C 111 -18.55 25.70 26.91
CA HIS C 111 -19.43 25.97 28.05
C HIS C 111 -18.90 25.32 29.33
N CYS C 112 -18.34 24.12 29.19
CA CYS C 112 -17.84 23.37 30.34
C CYS C 112 -16.44 22.84 30.08
N PRO C 113 -15.43 23.72 30.19
CA PRO C 113 -14.02 23.41 29.91
C PRO C 113 -13.45 22.29 30.78
N SER C 114 -14.03 22.09 31.96
CA SER C 114 -13.49 21.11 32.91
C SER C 114 -14.14 19.73 32.80
N THR C 115 -15.45 19.68 33.05
CA THR C 115 -16.20 18.43 33.12
C THR C 115 -15.66 17.32 32.23
N PRO C 116 -15.57 16.09 32.79
CA PRO C 116 -15.09 14.91 32.10
C PRO C 116 -15.92 14.59 30.85
N ILE C 117 -15.28 14.01 29.85
CA ILE C 117 -15.97 13.63 28.62
C ILE C 117 -15.77 12.15 28.31
N ILE C 118 -16.87 11.44 28.09
CA ILE C 118 -16.81 10.06 27.66
C ILE C 118 -17.22 9.94 26.20
N LEU C 119 -16.30 9.53 25.35
CA LEU C 119 -16.59 9.32 23.94
C LEU C 119 -17.27 7.96 23.75
N VAL C 120 -18.44 7.97 23.13
CA VAL C 120 -19.20 6.74 22.95
C VAL C 120 -19.45 6.42 21.47
N GLY C 121 -19.00 5.26 21.03
CA GLY C 121 -19.32 4.75 19.72
C GLY C 121 -20.58 3.91 19.78
N THR C 122 -21.63 4.37 19.09
CA THR C 122 -22.93 3.72 19.18
C THR C 122 -23.20 2.79 17.99
N LYS C 123 -24.27 2.01 18.11
CA LYS C 123 -24.70 1.11 17.05
C LYS C 123 -23.64 0.08 16.69
N LEU C 124 -22.89 -0.37 17.68
CA LEU C 124 -21.85 -1.37 17.49
C LEU C 124 -22.36 -2.57 16.70
N ASP C 125 -23.64 -2.89 16.89
CA ASP C 125 -24.25 -4.05 16.25
C ASP C 125 -24.22 -4.00 14.73
N LEU C 126 -24.11 -2.79 14.18
CA LEU C 126 -24.20 -2.60 12.73
C LEU C 126 -22.85 -2.69 12.02
N ARG C 127 -21.76 -2.64 12.78
CA ARG C 127 -20.42 -2.70 12.20
C ARG C 127 -20.23 -3.98 11.39
N ASP C 128 -20.86 -5.06 11.84
CA ASP C 128 -20.79 -6.33 11.14
C ASP C 128 -21.73 -6.36 9.94
N ASP C 129 -22.93 -5.83 10.14
CA ASP C 129 -24.00 -5.90 9.15
C ASP C 129 -23.51 -5.67 7.72
N LYS C 130 -23.75 -6.66 6.85
CA LYS C 130 -23.34 -6.58 5.46
C LYS C 130 -24.11 -5.50 4.70
N ASP C 131 -25.40 -5.40 4.97
CA ASP C 131 -26.25 -4.40 4.32
C ASP C 131 -25.74 -2.99 4.60
N THR C 132 -25.33 -2.76 5.84
CA THR C 132 -24.79 -1.46 6.23
C THR C 132 -23.46 -1.21 5.52
N ILE C 133 -22.81 -2.30 5.10
CA ILE C 133 -21.53 -2.21 4.40
C ILE C 133 -21.74 -2.19 2.89
N ALA C 142 -16.82 3.46 4.82
CA ALA C 142 -16.62 2.34 5.74
C ALA C 142 -16.89 2.74 7.18
N PRO C 143 -17.33 1.78 8.01
CA PRO C 143 -17.64 2.02 9.43
C PRO C 143 -16.39 2.30 10.25
N ILE C 144 -16.56 3.05 11.34
CA ILE C 144 -15.45 3.39 12.23
C ILE C 144 -14.92 2.17 12.97
N THR C 145 -13.62 1.94 12.87
CA THR C 145 -12.98 0.84 13.59
C THR C 145 -12.66 1.29 15.01
N TYR C 146 -12.37 0.33 15.88
CA TYR C 146 -12.02 0.66 17.27
C TYR C 146 -10.76 1.52 17.36
N PRO C 147 -9.68 1.12 16.65
CA PRO C 147 -8.47 1.93 16.67
C PRO C 147 -8.74 3.38 16.28
N GLN C 148 -9.59 3.57 15.28
CA GLN C 148 -9.98 4.91 14.86
C GLN C 148 -10.78 5.62 15.94
N GLY C 149 -11.57 4.84 16.68
CA GLY C 149 -12.36 5.38 17.77
C GLY C 149 -11.51 5.79 18.94
N LEU C 150 -10.54 4.95 19.30
CA LEU C 150 -9.63 5.24 20.39
C LEU C 150 -8.73 6.41 20.04
N ALA C 151 -8.43 6.55 18.75
CA ALA C 151 -7.63 7.66 18.26
C ALA C 151 -8.33 8.98 18.52
N LEU C 152 -9.62 9.04 18.20
CA LEU C 152 -10.41 10.24 18.41
C LEU C 152 -10.51 10.59 19.90
N ALA C 153 -10.68 9.56 20.72
CA ALA C 153 -10.78 9.75 22.17
C ALA C 153 -9.53 10.41 22.72
N LYS C 154 -8.36 9.91 22.29
CA LYS C 154 -7.09 10.47 22.72
C LYS C 154 -6.93 11.91 22.23
N GLU C 155 -7.47 12.18 21.04
CA GLU C 155 -7.41 13.52 20.47
C GLU C 155 -8.05 14.54 21.39
N ILE C 156 -9.29 14.27 21.80
CA ILE C 156 -10.05 15.19 22.62
C ILE C 156 -9.86 14.94 24.12
N ASP C 157 -8.90 14.07 24.44
CA ASP C 157 -8.55 13.78 25.83
C ASP C 157 -9.76 13.27 26.63
N SER C 158 -10.46 12.30 26.07
CA SER C 158 -11.60 11.70 26.76
C SER C 158 -11.12 10.89 27.95
N VAL C 159 -11.96 10.80 28.98
CA VAL C 159 -11.63 10.01 30.16
C VAL C 159 -11.69 8.52 29.82
N LYS C 160 -12.41 8.20 28.74
CA LYS C 160 -12.60 6.82 28.34
C LYS C 160 -13.25 6.73 26.96
N TYR C 161 -12.87 5.73 26.19
CA TYR C 161 -13.56 5.44 24.93
C TYR C 161 -14.32 4.11 25.02
N LEU C 162 -15.64 4.18 24.87
CA LEU C 162 -16.47 3.00 25.02
C LEU C 162 -17.39 2.82 23.83
N GLU C 163 -17.52 1.58 23.37
CA GLU C 163 -18.43 1.23 22.29
C GLU C 163 -19.63 0.47 22.84
N CYS C 164 -20.81 0.73 22.30
CA CYS C 164 -22.01 0.08 22.78
C CYS C 164 -23.08 -0.07 21.69
N SER C 165 -24.15 -0.77 22.04
CA SER C 165 -25.28 -0.98 21.13
C SER C 165 -26.59 -0.95 21.91
N ALA C 166 -27.43 0.03 21.61
CA ALA C 166 -28.72 0.16 22.28
C ALA C 166 -29.61 -1.05 21.96
N LEU C 167 -29.46 -1.57 20.75
CA LEU C 167 -30.29 -2.68 20.30
C LEU C 167 -29.99 -3.97 21.07
N THR C 168 -28.71 -4.31 21.17
CA THR C 168 -28.30 -5.55 21.83
C THR C 168 -27.99 -5.34 23.31
N GLN C 169 -27.76 -4.09 23.69
CA GLN C 169 -27.45 -3.71 25.07
C GLN C 169 -26.01 -4.00 25.49
N ARG C 170 -25.21 -4.53 24.56
CA ARG C 170 -23.80 -4.78 24.84
C ARG C 170 -23.03 -3.48 25.01
N GLY C 171 -22.41 -3.31 26.17
CA GLY C 171 -21.59 -2.14 26.42
C GLY C 171 -22.30 -1.01 27.15
N LEU C 172 -23.63 -1.03 27.12
CA LEU C 172 -24.43 0.02 27.73
C LEU C 172 -24.04 0.30 29.18
N LYS C 173 -24.10 -0.75 30.01
CA LYS C 173 -23.84 -0.60 31.43
C LYS C 173 -22.43 -0.09 31.72
N THR C 174 -21.47 -0.55 30.93
CA THR C 174 -20.09 -0.09 31.06
C THR C 174 -20.00 1.40 30.77
N VAL C 175 -20.72 1.84 29.74
CA VAL C 175 -20.73 3.24 29.35
C VAL C 175 -21.09 4.14 30.52
N PHE C 176 -22.24 3.86 31.14
CA PHE C 176 -22.73 4.68 32.25
C PHE C 176 -21.97 4.38 33.54
N ASP C 177 -21.43 3.18 33.66
CA ASP C 177 -20.58 2.85 34.79
C ASP C 177 -19.37 3.76 34.82
N GLU C 178 -18.67 3.84 33.70
CA GLU C 178 -17.49 4.68 33.57
C GLU C 178 -17.84 6.15 33.68
N ALA C 179 -19.00 6.52 33.15
CA ALA C 179 -19.48 7.89 33.26
C ALA C 179 -19.60 8.28 34.73
N ILE C 180 -20.02 7.34 35.54
CA ILE C 180 -20.16 7.55 36.98
C ILE C 180 -18.79 7.54 37.68
N ARG C 181 -17.93 6.61 37.27
CA ARG C 181 -16.58 6.53 37.82
C ARG C 181 -15.78 7.80 37.48
N ALA C 182 -16.14 8.42 36.36
CA ALA C 182 -15.46 9.64 35.92
C ALA C 182 -15.89 10.84 36.77
N VAL C 183 -16.76 10.58 37.74
CA VAL C 183 -17.24 11.62 38.64
C VAL C 183 -16.82 11.35 40.07
N MET D 8 -8.04 -24.65 -6.10
CA MET D 8 -6.98 -23.94 -5.39
C MET D 8 -6.39 -22.82 -6.23
N GLN D 9 -5.17 -23.03 -6.72
CA GLN D 9 -4.47 -22.02 -7.52
C GLN D 9 -5.20 -21.74 -8.82
N ALA D 10 -5.38 -20.46 -9.13
CA ALA D 10 -6.07 -20.05 -10.34
C ALA D 10 -5.10 -19.68 -11.46
N ILE D 11 -5.28 -20.30 -12.62
CA ILE D 11 -4.43 -20.02 -13.78
C ILE D 11 -5.25 -19.49 -14.94
N LYS D 12 -4.82 -18.37 -15.50
CA LYS D 12 -5.51 -17.77 -16.64
C LYS D 12 -4.84 -18.17 -17.95
N CYS D 13 -5.55 -18.99 -18.73
CA CYS D 13 -5.01 -19.48 -20.00
C CYS D 13 -5.85 -18.96 -21.18
N VAL D 14 -5.22 -18.15 -22.02
CA VAL D 14 -5.90 -17.58 -23.17
C VAL D 14 -5.54 -18.30 -24.47
N VAL D 15 -6.56 -18.58 -25.29
CA VAL D 15 -6.37 -19.28 -26.55
C VAL D 15 -6.48 -18.33 -27.72
N VAL D 16 -5.41 -18.24 -28.52
CA VAL D 16 -5.41 -17.38 -29.70
C VAL D 16 -5.02 -18.17 -30.96
N GLY D 17 -5.32 -17.59 -32.11
CA GLY D 17 -5.02 -18.24 -33.39
C GLY D 17 -6.04 -17.94 -34.46
N ASP D 18 -5.74 -18.34 -35.69
CA ASP D 18 -6.62 -18.07 -36.82
C ASP D 18 -8.03 -18.60 -36.60
N VAL D 19 -9.00 -17.96 -37.24
CA VAL D 19 -10.37 -18.43 -37.24
C VAL D 19 -10.45 -19.78 -37.93
N ALA D 20 -11.05 -20.76 -37.27
CA ALA D 20 -11.27 -22.09 -37.83
C ALA D 20 -10.09 -23.05 -37.63
N VAL D 21 -9.26 -22.79 -36.63
CA VAL D 21 -8.20 -23.72 -36.27
C VAL D 21 -8.71 -24.72 -35.22
N GLY D 22 -9.84 -24.39 -34.61
CA GLY D 22 -10.48 -25.27 -33.66
C GLY D 22 -10.30 -24.87 -32.21
N LYS D 23 -10.12 -23.57 -31.96
CA LYS D 23 -9.90 -23.08 -30.61
C LYS D 23 -11.09 -23.37 -29.70
N THR D 24 -12.29 -23.16 -30.23
CA THR D 24 -13.51 -23.37 -29.45
C THR D 24 -13.78 -24.84 -29.17
N CYS D 25 -13.77 -25.65 -30.24
CA CYS D 25 -13.95 -27.09 -30.09
C CYS D 25 -12.91 -27.64 -29.12
N LEU D 26 -11.68 -27.17 -29.25
CA LEU D 26 -10.60 -27.55 -28.35
C LEU D 26 -11.00 -27.33 -26.89
N LEU D 27 -11.42 -26.11 -26.57
CA LEU D 27 -11.80 -25.77 -25.21
C LEU D 27 -13.03 -26.54 -24.74
N ILE D 28 -13.95 -26.82 -25.67
CA ILE D 28 -15.17 -27.53 -25.34
C ILE D 28 -14.94 -29.03 -25.16
N SER D 29 -14.28 -29.65 -26.13
CA SER D 29 -13.95 -31.07 -26.03
C SER D 29 -13.20 -31.34 -24.74
N TYR D 30 -12.29 -30.46 -24.38
CA TYR D 30 -11.55 -30.59 -23.14
C TYR D 30 -12.46 -30.44 -21.94
N THR D 31 -13.46 -29.57 -22.07
CA THR D 31 -14.36 -29.24 -20.97
C THR D 31 -15.53 -30.24 -20.83
N THR D 32 -16.20 -30.54 -21.94
CA THR D 32 -17.37 -31.40 -21.91
C THR D 32 -17.03 -32.83 -22.28
N ASN D 33 -15.79 -33.05 -22.72
CA ASN D 33 -15.36 -34.36 -23.19
C ASN D 33 -16.15 -34.82 -24.42
N ALA D 34 -16.92 -33.91 -24.98
CA ALA D 34 -17.68 -34.17 -26.19
C ALA D 34 -17.23 -33.25 -27.31
N PHE D 35 -17.39 -33.71 -28.55
CA PHE D 35 -17.01 -32.90 -29.71
C PHE D 35 -18.25 -32.38 -30.44
N PRO D 36 -18.46 -31.05 -30.39
CA PRO D 36 -19.60 -30.40 -31.04
C PRO D 36 -19.60 -30.69 -32.54
N GLY D 37 -18.67 -30.08 -33.27
CA GLY D 37 -18.56 -30.28 -34.70
C GLY D 37 -19.76 -29.76 -35.45
N GLU D 38 -20.89 -30.48 -35.35
CA GLU D 38 -22.13 -30.07 -35.96
C GLU D 38 -22.44 -28.62 -35.65
N TYR D 39 -22.99 -28.37 -34.46
CA TYR D 39 -23.28 -27.01 -34.04
C TYR D 39 -22.30 -26.54 -32.97
N ILE D 40 -21.44 -25.60 -33.34
CA ILE D 40 -20.48 -25.02 -32.42
C ILE D 40 -21.02 -23.71 -31.86
N PRO D 41 -20.91 -23.52 -30.53
CA PRO D 41 -21.33 -22.26 -29.92
C PRO D 41 -20.64 -21.09 -30.59
N THR D 42 -21.38 -20.02 -30.87
CA THR D 42 -20.82 -18.88 -31.58
C THR D 42 -20.52 -17.71 -30.64
N VAL D 43 -21.11 -17.74 -29.45
CA VAL D 43 -20.84 -16.71 -28.46
C VAL D 43 -19.47 -16.95 -27.83
N PHE D 44 -18.50 -16.11 -28.19
CA PHE D 44 -17.17 -16.20 -27.62
C PHE D 44 -17.26 -16.20 -26.10
N ASP D 45 -16.73 -17.26 -25.49
CA ASP D 45 -16.98 -17.50 -24.08
C ASP D 45 -15.71 -17.85 -23.32
N ASN D 46 -15.86 -18.04 -22.00
CA ASN D 46 -14.79 -18.56 -21.18
C ASN D 46 -15.28 -19.78 -20.42
N TYR D 47 -14.36 -20.63 -20.00
CA TYR D 47 -14.72 -21.86 -19.31
C TYR D 47 -13.80 -22.10 -18.12
N SER D 48 -14.03 -23.19 -17.41
CA SER D 48 -13.20 -23.52 -16.25
C SER D 48 -13.13 -25.03 -16.02
N ALA D 49 -12.08 -25.44 -15.32
CA ALA D 49 -11.89 -26.85 -14.98
C ALA D 49 -11.07 -26.98 -13.70
N ASN D 50 -11.30 -28.05 -12.96
CA ASN D 50 -10.54 -28.33 -11.75
C ASN D 50 -9.66 -29.55 -11.94
N VAL D 51 -8.34 -29.32 -12.05
CA VAL D 51 -7.41 -30.40 -12.31
C VAL D 51 -6.15 -30.28 -11.45
N MET D 52 -5.56 -31.43 -11.12
CA MET D 52 -4.33 -31.47 -10.34
C MET D 52 -3.17 -31.90 -11.24
N VAL D 53 -2.00 -31.33 -10.99
CA VAL D 53 -0.82 -31.60 -11.81
C VAL D 53 0.37 -31.98 -10.95
N PRO D 57 -3.50 -29.21 -7.74
CA PRO D 57 -4.71 -28.52 -7.25
C PRO D 57 -4.87 -27.18 -7.93
N VAL D 58 -5.48 -27.18 -9.12
CA VAL D 58 -5.57 -25.95 -9.91
C VAL D 58 -6.94 -25.75 -10.55
N ASN D 59 -7.45 -24.54 -10.46
CA ASN D 59 -8.65 -24.12 -11.18
C ASN D 59 -8.23 -23.36 -12.44
N LEU D 60 -8.50 -23.94 -13.60
CA LEU D 60 -8.02 -23.37 -14.86
C LEU D 60 -9.08 -22.56 -15.59
N GLY D 61 -8.79 -21.28 -15.81
CA GLY D 61 -9.68 -20.41 -16.56
C GLY D 61 -9.34 -20.42 -18.04
N LEU D 62 -10.27 -20.91 -18.86
CA LEU D 62 -10.04 -21.01 -20.29
C LEU D 62 -10.77 -19.90 -21.03
N TRP D 63 -10.02 -18.95 -21.57
CA TRP D 63 -10.61 -17.82 -22.27
C TRP D 63 -10.47 -17.93 -23.79
N ASP D 64 -11.61 -17.93 -24.47
CA ASP D 64 -11.64 -18.02 -25.92
C ASP D 64 -11.49 -16.63 -26.52
N THR D 65 -11.20 -16.58 -27.82
CA THR D 65 -11.01 -15.31 -28.52
C THR D 65 -11.57 -15.35 -29.93
N ALA D 66 -11.74 -14.18 -30.52
CA ALA D 66 -12.17 -14.07 -31.91
C ALA D 66 -11.00 -13.66 -32.78
N GLY D 67 -10.52 -14.59 -33.60
CA GLY D 67 -9.35 -14.36 -34.43
C GLY D 67 -9.59 -13.44 -35.61
N GLN D 68 -10.85 -13.16 -35.91
CA GLN D 68 -11.19 -12.30 -37.04
C GLN D 68 -10.46 -10.96 -36.96
N GLU D 69 -10.11 -10.42 -38.12
CA GLU D 69 -9.40 -9.14 -38.20
C GLU D 69 -10.27 -8.01 -37.64
N ASP D 70 -11.59 -8.21 -37.70
CA ASP D 70 -12.53 -7.19 -37.26
C ASP D 70 -12.39 -6.88 -35.78
N TYR D 71 -11.73 -7.77 -35.05
CA TYR D 71 -11.61 -7.61 -33.61
CA TYR D 71 -11.61 -7.61 -33.60
C TYR D 71 -10.15 -7.46 -33.17
N ASP D 72 -9.30 -7.07 -34.11
CA ASP D 72 -7.88 -6.88 -33.80
C ASP D 72 -7.71 -5.88 -32.66
N ARG D 73 -8.64 -4.93 -32.58
CA ARG D 73 -8.53 -3.83 -31.61
C ARG D 73 -9.01 -4.21 -30.21
N LEU D 74 -10.10 -4.94 -30.12
CA LEU D 74 -10.68 -5.28 -28.81
C LEU D 74 -10.17 -6.61 -28.25
N ARG D 75 -9.82 -7.54 -29.13
CA ARG D 75 -9.38 -8.87 -28.70
C ARG D 75 -8.38 -8.85 -27.54
N PRO D 76 -7.33 -8.02 -27.65
CA PRO D 76 -6.29 -7.98 -26.62
C PRO D 76 -6.79 -7.56 -25.24
N LEU D 77 -8.05 -7.13 -25.15
CA LEU D 77 -8.62 -6.74 -23.86
C LEU D 77 -8.74 -7.94 -22.92
N SER D 78 -8.63 -9.14 -23.48
CA SER D 78 -8.70 -10.36 -22.69
C SER D 78 -7.33 -10.74 -22.14
N TYR D 79 -6.29 -10.15 -22.73
CA TYR D 79 -4.91 -10.53 -22.42
C TYR D 79 -4.43 -10.19 -21.00
N PRO D 80 -4.74 -8.97 -20.50
CA PRO D 80 -4.23 -8.55 -19.20
C PRO D 80 -4.31 -9.65 -18.13
N GLN D 81 -3.19 -9.88 -17.45
CA GLN D 81 -3.12 -10.87 -16.37
C GLN D 81 -3.32 -12.31 -16.83
N THR D 82 -2.95 -12.60 -18.08
CA THR D 82 -2.99 -13.96 -18.59
C THR D 82 -1.76 -14.71 -18.12
N ASP D 83 -1.97 -15.83 -17.43
CA ASP D 83 -0.89 -16.62 -16.88
C ASP D 83 -0.13 -17.41 -17.94
N VAL D 84 -0.84 -17.87 -18.97
CA VAL D 84 -0.23 -18.64 -20.04
C VAL D 84 -1.06 -18.54 -21.32
N PHE D 85 -0.37 -18.66 -22.46
CA PHE D 85 -1.02 -18.57 -23.75
C PHE D 85 -1.00 -19.89 -24.52
N LEU D 86 -2.04 -20.10 -25.32
CA LEU D 86 -2.08 -21.21 -26.27
C LEU D 86 -2.25 -20.64 -27.67
N ILE D 87 -1.15 -20.51 -28.40
CA ILE D 87 -1.22 -20.07 -29.79
C ILE D 87 -1.41 -21.28 -30.69
N CYS D 88 -2.60 -21.39 -31.28
CA CYS D 88 -2.97 -22.59 -32.00
C CYS D 88 -3.01 -22.38 -33.50
N PHE D 89 -2.55 -23.39 -34.24
CA PHE D 89 -2.67 -23.41 -35.70
C PHE D 89 -3.12 -24.80 -36.11
N SER D 90 -3.88 -24.88 -37.21
CA SER D 90 -4.31 -26.16 -37.73
C SER D 90 -3.13 -26.88 -38.38
N LEU D 91 -2.99 -28.16 -38.08
CA LEU D 91 -1.92 -28.97 -38.66
C LEU D 91 -2.11 -29.19 -40.15
N VAL D 92 -3.33 -28.92 -40.62
CA VAL D 92 -3.64 -29.03 -42.05
C VAL D 92 -3.94 -27.67 -42.66
N SER D 93 -3.48 -26.62 -42.00
CA SER D 93 -3.61 -25.26 -42.51
C SER D 93 -2.29 -24.51 -42.44
N PRO D 94 -1.52 -24.56 -43.54
CA PRO D 94 -0.24 -23.84 -43.63
C PRO D 94 -0.42 -22.35 -43.38
N ALA D 95 -1.56 -21.80 -43.77
CA ALA D 95 -1.85 -20.39 -43.59
C ALA D 95 -1.89 -20.03 -42.11
N SER D 96 -2.55 -20.86 -41.32
CA SER D 96 -2.63 -20.65 -39.87
C SER D 96 -1.26 -20.86 -39.24
N TYR D 97 -0.48 -21.72 -39.85
CA TYR D 97 0.89 -21.97 -39.41
C TYR D 97 1.73 -20.70 -39.59
N GLU D 98 1.65 -20.12 -40.78
CA GLU D 98 2.39 -18.90 -41.08
C GLU D 98 1.94 -17.72 -40.23
N ASN D 99 0.64 -17.64 -39.98
CA ASN D 99 0.08 -16.54 -39.20
C ASN D 99 0.51 -16.55 -37.73
N VAL D 100 1.17 -17.64 -37.33
CA VAL D 100 1.72 -17.72 -35.98
C VAL D 100 2.88 -16.74 -35.85
N ARG D 101 3.77 -16.76 -36.83
CA ARG D 101 4.92 -15.86 -36.84
C ARG D 101 4.57 -14.49 -37.40
N ALA D 102 3.59 -14.46 -38.30
CA ALA D 102 3.21 -13.23 -38.99
C ALA D 102 2.29 -12.35 -38.16
N LYS D 103 1.57 -12.94 -37.21
CA LYS D 103 0.58 -12.18 -36.46
C LYS D 103 0.48 -12.52 -34.97
N TRP D 104 0.19 -13.78 -34.67
CA TRP D 104 -0.18 -14.17 -33.31
C TRP D 104 0.95 -14.07 -32.29
N PHE D 105 2.13 -14.59 -32.62
CA PHE D 105 3.28 -14.46 -31.74
C PHE D 105 3.65 -13.00 -31.51
N PRO D 106 3.73 -12.21 -32.58
CA PRO D 106 3.99 -10.77 -32.42
C PRO D 106 2.94 -10.09 -31.56
N GLU D 107 1.66 -10.37 -31.83
CA GLU D 107 0.58 -9.74 -31.09
C GLU D 107 0.62 -10.09 -29.61
N VAL D 108 0.80 -11.36 -29.29
CA VAL D 108 0.87 -11.80 -27.90
C VAL D 108 2.00 -11.12 -27.16
N ARG D 109 3.19 -11.14 -27.76
CA ARG D 109 4.38 -10.55 -27.14
C ARG D 109 4.24 -9.04 -26.97
N HIS D 110 3.56 -8.39 -27.92
CA HIS D 110 3.38 -6.95 -27.87
C HIS D 110 2.70 -6.51 -26.58
N HIS D 111 1.68 -7.25 -26.17
CA HIS D 111 0.93 -6.94 -24.96
C HIS D 111 1.51 -7.66 -23.75
N CYS D 112 1.89 -8.92 -23.95
CA CYS D 112 2.45 -9.74 -22.86
C CYS D 112 3.84 -10.24 -23.24
N PRO D 113 4.87 -9.46 -22.92
CA PRO D 113 6.27 -9.72 -23.30
C PRO D 113 6.86 -10.99 -22.72
N SER D 114 6.54 -11.30 -21.46
CA SER D 114 7.24 -12.38 -20.76
C SER D 114 6.33 -13.44 -20.13
N THR D 115 5.14 -13.62 -20.68
CA THR D 115 4.24 -14.66 -20.21
C THR D 115 4.37 -15.91 -21.07
N PRO D 116 4.45 -17.08 -20.43
CA PRO D 116 4.65 -18.37 -21.10
C PRO D 116 3.71 -18.56 -22.30
N ILE D 117 4.23 -19.21 -23.35
CA ILE D 117 3.42 -19.49 -24.53
C ILE D 117 3.55 -20.95 -24.95
N ILE D 118 2.43 -21.56 -25.33
CA ILE D 118 2.43 -22.94 -25.79
C ILE D 118 1.96 -23.01 -27.24
N LEU D 119 2.83 -23.53 -28.11
CA LEU D 119 2.44 -23.72 -29.51
C LEU D 119 1.65 -25.01 -29.65
N VAL D 120 0.44 -24.90 -30.18
CA VAL D 120 -0.48 -26.02 -30.25
C VAL D 120 -0.90 -26.34 -31.68
N GLY D 121 -0.71 -27.59 -32.08
CA GLY D 121 -1.08 -28.04 -33.42
C GLY D 121 -2.37 -28.83 -33.41
N THR D 122 -3.44 -28.21 -33.88
CA THR D 122 -4.77 -28.78 -33.79
C THR D 122 -5.15 -29.64 -35.01
N LYS D 123 -6.24 -30.39 -34.86
CA LYS D 123 -6.76 -31.22 -35.94
C LYS D 123 -5.78 -32.32 -36.36
N LEU D 124 -5.06 -32.86 -35.38
CA LEU D 124 -4.08 -33.91 -35.62
C LEU D 124 -4.67 -35.07 -36.41
N ASP D 125 -5.94 -35.37 -36.16
CA ASP D 125 -6.62 -36.48 -36.82
C ASP D 125 -6.67 -36.31 -38.34
N LEU D 126 -6.58 -35.07 -38.80
CA LEU D 126 -6.74 -34.76 -40.22
C LEU D 126 -5.46 -34.87 -41.03
N ARG D 127 -4.31 -34.88 -40.35
CA ARG D 127 -3.03 -34.94 -41.04
C ARG D 127 -2.92 -36.19 -41.91
N ASP D 128 -3.62 -37.25 -41.53
CA ASP D 128 -3.57 -38.51 -42.26
C ASP D 128 -4.75 -38.65 -43.22
N ASP D 129 -5.65 -37.67 -43.18
CA ASP D 129 -6.86 -37.72 -43.98
C ASP D 129 -6.55 -37.65 -45.48
N LYS D 130 -6.94 -38.71 -46.20
CA LYS D 130 -6.72 -38.78 -47.64
C LYS D 130 -7.42 -37.63 -48.37
N ASP D 131 -8.65 -37.35 -47.97
CA ASP D 131 -9.43 -36.29 -48.60
C ASP D 131 -8.79 -34.92 -48.37
N THR D 132 -8.33 -34.70 -47.14
CA THR D 132 -7.67 -33.44 -46.79
C THR D 132 -6.39 -33.24 -47.61
N ILE D 133 -5.52 -34.25 -47.57
CA ILE D 133 -4.26 -34.19 -48.31
C ILE D 133 -4.49 -34.00 -49.81
N GLU D 134 -5.53 -34.65 -50.32
CA GLU D 134 -5.86 -34.57 -51.73
C GLU D 134 -6.11 -33.12 -52.16
N LYS D 135 -6.94 -32.42 -51.40
CA LYS D 135 -7.27 -31.03 -51.70
C LYS D 135 -6.07 -30.12 -51.48
N LEU D 136 -5.29 -30.40 -50.45
CA LEU D 136 -4.11 -29.61 -50.13
C LEU D 136 -3.09 -29.64 -51.26
N LYS D 137 -2.87 -30.82 -51.83
CA LYS D 137 -1.89 -31.00 -52.89
C LYS D 137 -2.31 -30.30 -54.19
N GLU D 138 -3.58 -29.92 -54.27
CA GLU D 138 -4.09 -29.22 -55.45
C GLU D 138 -3.61 -27.78 -55.47
N LYS D 139 -3.27 -27.26 -54.30
CA LYS D 139 -2.73 -25.92 -54.18
C LYS D 139 -1.22 -25.98 -53.96
N LYS D 140 -0.67 -27.18 -54.06
CA LYS D 140 0.75 -27.42 -53.82
C LYS D 140 1.09 -27.27 -52.35
N LEU D 141 0.17 -27.67 -51.48
CA LEU D 141 0.38 -27.61 -50.04
C LEU D 141 0.33 -28.99 -49.41
N ALA D 142 0.90 -29.11 -48.21
CA ALA D 142 0.91 -30.36 -47.47
C ALA D 142 0.75 -30.09 -45.97
N PRO D 143 0.13 -31.04 -45.25
CA PRO D 143 -0.09 -30.91 -43.81
C PRO D 143 1.22 -30.65 -43.05
N ILE D 144 1.15 -29.83 -42.03
CA ILE D 144 2.31 -29.53 -41.19
C ILE D 144 2.78 -30.79 -40.48
N THR D 145 4.06 -31.10 -40.63
CA THR D 145 4.65 -32.27 -39.97
C THR D 145 5.09 -31.90 -38.55
N TYR D 146 5.38 -32.92 -37.75
CA TYR D 146 5.81 -32.68 -36.38
C TYR D 146 7.15 -31.94 -36.30
N PRO D 147 8.11 -32.29 -37.18
CA PRO D 147 9.37 -31.56 -37.20
C PRO D 147 9.17 -30.08 -37.51
N GLN D 148 8.28 -29.79 -38.45
CA GLN D 148 7.99 -28.42 -38.84
C GLN D 148 7.33 -27.65 -37.71
N GLY D 149 6.41 -28.31 -37.00
CA GLY D 149 5.75 -27.71 -35.87
C GLY D 149 6.73 -27.42 -34.74
N LEU D 150 7.66 -28.34 -34.54
CA LEU D 150 8.68 -28.18 -33.50
C LEU D 150 9.62 -27.03 -33.85
N ALA D 151 9.90 -26.88 -35.15
CA ALA D 151 10.77 -25.81 -35.63
C ALA D 151 10.17 -24.45 -35.28
N LEU D 152 8.93 -24.23 -35.69
CA LEU D 152 8.23 -22.98 -35.38
C LEU D 152 8.22 -22.72 -33.88
N ALA D 153 8.05 -23.78 -33.10
CA ALA D 153 8.01 -23.68 -31.65
C ALA D 153 9.30 -23.10 -31.11
N LYS D 154 10.42 -23.55 -31.64
CA LYS D 154 11.73 -23.05 -31.22
C LYS D 154 11.98 -21.65 -31.79
N GLU D 155 11.47 -21.42 -33.00
CA GLU D 155 11.62 -20.12 -33.65
C GLU D 155 11.02 -19.01 -32.80
N ILE D 156 9.82 -19.25 -32.27
CA ILE D 156 9.15 -18.27 -31.42
C ILE D 156 9.48 -18.53 -29.95
N ASP D 157 10.33 -19.53 -29.72
CA ASP D 157 10.81 -19.84 -28.37
C ASP D 157 9.67 -20.17 -27.40
N SER D 158 8.82 -21.10 -27.80
CA SER D 158 7.73 -21.56 -26.93
C SER D 158 8.30 -22.19 -25.67
N VAL D 159 7.41 -22.66 -24.81
CA VAL D 159 7.82 -23.47 -23.67
C VAL D 159 7.68 -24.93 -24.07
N LYS D 160 6.67 -25.21 -24.87
CA LYS D 160 6.41 -26.55 -25.39
C LYS D 160 5.70 -26.49 -26.74
N TYR D 161 5.92 -27.50 -27.56
CA TYR D 161 5.10 -27.73 -28.74
C TYR D 161 4.28 -28.99 -28.54
N LEU D 162 2.96 -28.88 -28.72
CA LEU D 162 2.08 -30.01 -28.49
C LEU D 162 1.03 -30.13 -29.58
N GLU D 163 0.78 -31.36 -30.03
CA GLU D 163 -0.22 -31.62 -31.04
C GLU D 163 -1.42 -32.33 -30.43
N CYS D 164 -2.61 -32.05 -30.98
CA CYS D 164 -3.84 -32.62 -30.43
C CYS D 164 -4.98 -32.59 -31.43
N SER D 165 -6.06 -33.29 -31.08
CA SER D 165 -7.27 -33.30 -31.87
C SER D 165 -8.47 -33.22 -30.94
N ALA D 166 -9.31 -32.21 -31.13
CA ALA D 166 -10.51 -32.04 -30.31
C ALA D 166 -11.49 -33.18 -30.56
N LEU D 167 -11.51 -33.66 -31.80
CA LEU D 167 -12.41 -34.75 -32.20
C LEU D 167 -12.10 -36.03 -31.44
N THR D 168 -10.91 -36.57 -31.64
CA THR D 168 -10.50 -37.81 -31.00
C THR D 168 -10.08 -37.58 -29.55
N GLN D 169 -9.60 -36.37 -29.28
CA GLN D 169 -9.23 -35.94 -27.93
C GLN D 169 -7.82 -36.41 -27.51
N ARG D 170 -7.11 -37.03 -28.42
CA ARG D 170 -5.74 -37.46 -28.16
C ARG D 170 -4.82 -36.26 -27.93
N GLY D 171 -4.04 -36.31 -26.85
CA GLY D 171 -3.12 -35.24 -26.52
C GLY D 171 -3.84 -34.02 -25.97
N LEU D 172 -5.17 -34.02 -26.06
CA LEU D 172 -5.97 -32.89 -25.62
C LEU D 172 -5.76 -32.61 -24.14
N LYS D 173 -5.68 -33.68 -23.34
CA LYS D 173 -5.46 -33.55 -21.92
C LYS D 173 -4.06 -33.05 -21.61
N THR D 174 -3.08 -33.55 -22.37
CA THR D 174 -1.68 -33.18 -22.16
C THR D 174 -1.44 -31.69 -22.42
N VAL D 175 -2.09 -31.15 -23.45
CA VAL D 175 -1.93 -29.75 -23.81
C VAL D 175 -2.12 -28.83 -22.62
N PHE D 176 -3.22 -29.02 -21.91
CA PHE D 176 -3.57 -28.17 -20.79
C PHE D 176 -2.78 -28.51 -19.53
N ASP D 177 -2.33 -29.76 -19.43
CA ASP D 177 -1.43 -30.16 -18.36
C ASP D 177 -0.15 -29.34 -18.45
N GLU D 178 0.51 -29.43 -19.60
CA GLU D 178 1.75 -28.70 -19.85
C GLU D 178 1.53 -27.20 -19.79
N ALA D 179 0.36 -26.76 -20.24
CA ALA D 179 0.01 -25.34 -20.16
C ALA D 179 0.03 -24.90 -18.69
N ILE D 180 -0.48 -25.77 -17.82
CA ILE D 180 -0.48 -25.51 -16.39
C ILE D 180 0.94 -25.63 -15.82
N ARG D 181 1.65 -26.67 -16.24
CA ARG D 181 3.02 -26.88 -15.80
C ARG D 181 3.90 -25.69 -16.19
N ALA D 182 3.58 -25.08 -17.32
CA ALA D 182 4.32 -23.91 -17.79
C ALA D 182 4.08 -22.72 -16.88
N VAL D 183 3.13 -22.85 -15.97
CA VAL D 183 2.78 -21.78 -15.04
C VAL D 183 3.22 -22.12 -13.62
N LEU D 184 2.94 -23.34 -13.19
CA LEU D 184 3.29 -23.79 -11.84
C LEU D 184 4.76 -23.56 -11.54
#